data_2E5U
#
_entry.id   2E5U
#
_entity_poly.entity_id   1
_entity_poly.type   'polypeptide(L)'
_entity_poly.pdbx_seq_one_letter_code
;IDVLRAKAAKERAERRLQSQQDDIDFKRAELALKRAMNRL
;
_entity_poly.pdbx_strand_id   A
#
# COMPACT_ATOMS: atom_id res chain seq x y z
N ILE A 1 -6.59 -5.02 26.65
CA ILE A 1 -5.99 -5.65 25.49
C ILE A 1 -5.47 -4.60 24.51
N ASP A 2 -5.00 -3.48 25.05
CA ASP A 2 -4.48 -2.39 24.22
C ASP A 2 -3.21 -2.84 23.48
N VAL A 3 -2.43 -3.70 24.13
CA VAL A 3 -1.19 -4.20 23.54
C VAL A 3 -1.48 -4.94 22.24
N LEU A 4 -2.61 -5.62 22.18
CA LEU A 4 -2.99 -6.38 20.99
C LEU A 4 -3.70 -5.47 19.98
N ARG A 5 -4.43 -4.49 20.48
CA ARG A 5 -5.15 -3.56 19.62
C ARG A 5 -4.18 -2.64 18.90
N ALA A 6 -3.17 -2.16 19.62
CA ALA A 6 -2.17 -1.27 19.03
C ALA A 6 -1.48 -1.92 17.84
N LYS A 7 -1.43 -3.25 17.86
CA LYS A 7 -0.79 -4.00 16.78
C LYS A 7 -1.47 -3.71 15.44
N ALA A 8 -2.74 -3.35 15.49
CA ALA A 8 -3.50 -3.03 14.29
C ALA A 8 -3.10 -1.67 13.72
N ALA A 9 -2.68 -0.77 14.60
CA ALA A 9 -2.27 0.57 14.18
C ALA A 9 -0.93 0.53 13.46
N LYS A 10 -0.09 -0.44 13.82
CA LYS A 10 1.22 -0.59 13.22
C LYS A 10 1.09 -1.11 11.78
N GLU A 11 0.18 -2.05 11.57
CA GLU A 11 -0.02 -2.63 10.25
C GLU A 11 -0.55 -1.58 9.27
N ARG A 12 -1.40 -0.68 9.78
CA ARG A 12 -1.97 0.37 8.95
C ARG A 12 -0.91 1.42 8.59
N ALA A 13 -0.25 1.94 9.62
CA ALA A 13 0.79 2.95 9.40
C ALA A 13 1.83 2.47 8.40
N GLU A 14 2.09 1.16 8.39
CA GLU A 14 3.06 0.58 7.48
C GLU A 14 2.54 0.61 6.05
N ARG A 15 1.29 0.21 5.86
CA ARG A 15 0.67 0.20 4.53
C ARG A 15 0.72 1.59 3.90
N ARG A 16 0.34 2.60 4.67
CA ARG A 16 0.33 3.97 4.19
C ARG A 16 1.71 4.38 3.68
N LEU A 17 2.75 3.97 4.40
CA LEU A 17 4.12 4.29 4.01
C LEU A 17 4.46 3.69 2.65
N GLN A 18 3.78 2.61 2.31
CA GLN A 18 4.01 1.94 1.03
C GLN A 18 3.25 2.64 -0.10
N SER A 19 3.52 3.93 -0.28
CA SER A 19 2.86 4.71 -1.32
C SER A 19 3.46 4.42 -2.69
N GLN A 20 4.78 4.46 -2.77
CA GLN A 20 5.48 4.20 -4.03
C GLN A 20 5.10 2.83 -4.59
N GLN A 21 4.80 1.89 -3.69
CA GLN A 21 4.42 0.55 -4.10
C GLN A 21 2.97 0.51 -4.57
N ASP A 22 2.16 1.42 -4.05
CA ASP A 22 0.75 1.49 -4.43
C ASP A 22 0.52 2.58 -5.46
N ASP A 23 1.49 2.77 -6.36
CA ASP A 23 1.39 3.78 -7.40
C ASP A 23 0.97 3.16 -8.72
N ILE A 24 1.35 1.90 -8.93
CA ILE A 24 1.01 1.20 -10.16
C ILE A 24 -0.48 0.86 -10.21
N ASP A 25 -0.96 0.20 -9.16
CA ASP A 25 -2.38 -0.17 -9.07
C ASP A 25 -3.27 1.07 -9.10
N PHE A 26 -2.72 2.19 -8.65
CA PHE A 26 -3.47 3.44 -8.61
C PHE A 26 -3.59 4.04 -10.01
N LYS A 27 -2.56 3.84 -10.82
CA LYS A 27 -2.55 4.35 -12.19
C LYS A 27 -3.70 3.77 -13.01
N ARG A 28 -3.81 2.44 -12.99
CA ARG A 28 -4.87 1.77 -13.73
C ARG A 28 -6.23 2.31 -13.35
N ALA A 29 -6.41 2.64 -12.08
CA ALA A 29 -7.68 3.17 -11.59
C ALA A 29 -8.05 4.46 -12.32
N GLU A 30 -7.04 5.18 -12.80
CA GLU A 30 -7.25 6.43 -13.52
C GLU A 30 -7.37 6.17 -15.03
N LEU A 31 -6.60 5.21 -15.52
CA LEU A 31 -6.62 4.87 -16.93
C LEU A 31 -8.01 4.43 -17.38
N ALA A 32 -8.73 3.77 -16.47
CA ALA A 32 -10.07 3.30 -16.75
C ALA A 32 -11.02 4.46 -17.00
N LEU A 33 -10.73 5.60 -16.37
CA LEU A 33 -11.57 6.80 -16.52
C LEU A 33 -11.28 7.50 -17.85
N LYS A 34 -10.01 7.59 -18.20
CA LYS A 34 -9.60 8.22 -19.44
C LYS A 34 -8.76 7.28 -20.30
N ARG A 35 -9.37 6.76 -21.36
CA ARG A 35 -8.68 5.84 -22.26
C ARG A 35 -8.52 6.46 -23.64
N ALA A 36 -8.75 7.76 -23.75
CA ALA A 36 -8.63 8.46 -25.01
C ALA A 36 -7.24 8.33 -25.60
N MET A 37 -6.23 8.30 -24.72
CA MET A 37 -4.85 8.16 -25.15
C MET A 37 -4.66 6.92 -26.00
N ASN A 38 -5.40 5.87 -25.68
CA ASN A 38 -5.32 4.61 -26.42
C ASN A 38 -5.96 4.75 -27.81
N ARG A 39 -7.15 5.35 -27.84
CA ARG A 39 -7.86 5.54 -29.10
C ARG A 39 -6.99 6.28 -30.11
N LEU A 40 -6.13 7.16 -29.61
CA LEU A 40 -5.24 7.92 -30.47
C LEU A 40 -3.90 7.22 -30.64
N ILE A 1 -6.41 -7.28 24.97
CA ILE A 1 -7.15 -6.64 23.89
C ILE A 1 -6.58 -5.27 23.56
N ASP A 2 -6.13 -4.56 24.58
CA ASP A 2 -5.56 -3.23 24.40
C ASP A 2 -4.24 -3.31 23.65
N VAL A 3 -3.37 -4.21 24.09
CA VAL A 3 -2.07 -4.39 23.45
C VAL A 3 -2.21 -4.87 22.02
N LEU A 4 -3.24 -5.67 21.77
CA LEU A 4 -3.50 -6.20 20.44
C LEU A 4 -3.84 -5.08 19.46
N ARG A 5 -4.57 -4.08 19.94
CA ARG A 5 -4.97 -2.95 19.11
C ARG A 5 -3.74 -2.17 18.65
N ALA A 6 -2.78 -2.00 19.55
CA ALA A 6 -1.55 -1.27 19.24
C ALA A 6 -0.83 -1.90 18.06
N LYS A 7 -0.77 -3.23 18.04
CA LYS A 7 -0.11 -3.96 16.97
C LYS A 7 -0.84 -3.78 15.65
N ALA A 8 -2.17 -3.65 15.73
CA ALA A 8 -2.98 -3.47 14.53
C ALA A 8 -2.76 -2.09 13.92
N ALA A 9 -2.48 -1.11 14.77
CA ALA A 9 -2.24 0.26 14.32
C ALA A 9 -0.94 0.36 13.54
N LYS A 10 0.09 -0.33 14.02
CA LYS A 10 1.39 -0.33 13.37
C LYS A 10 1.29 -0.87 11.95
N GLU A 11 0.40 -1.83 11.75
CA GLU A 11 0.21 -2.45 10.44
C GLU A 11 -0.49 -1.48 9.49
N ARG A 12 -1.47 -0.76 10.01
CA ARG A 12 -2.22 0.21 9.21
C ARG A 12 -1.32 1.36 8.77
N ALA A 13 -0.34 1.69 9.60
CA ALA A 13 0.58 2.78 9.29
C ALA A 13 1.47 2.42 8.11
N GLU A 14 2.18 1.30 8.22
CA GLU A 14 3.07 0.86 7.15
C GLU A 14 2.28 0.61 5.86
N ARG A 15 1.00 0.31 5.99
CA ARG A 15 0.15 0.07 4.84
C ARG A 15 0.11 1.28 3.91
N ARG A 16 0.22 2.47 4.51
CA ARG A 16 0.20 3.71 3.73
C ARG A 16 1.59 4.01 3.17
N LEU A 17 2.62 3.70 3.93
CA LEU A 17 3.99 3.94 3.50
C LEU A 17 4.30 3.20 2.20
N GLN A 18 3.91 1.93 2.15
CA GLN A 18 4.14 1.11 0.97
C GLN A 18 3.35 1.64 -0.22
N SER A 19 2.12 2.07 0.03
CA SER A 19 1.26 2.60 -1.02
C SER A 19 1.94 3.74 -1.76
N GLN A 20 2.47 4.70 -1.00
CA GLN A 20 3.15 5.85 -1.58
C GLN A 20 4.45 5.43 -2.26
N GLN A 21 5.06 4.36 -1.75
CA GLN A 21 6.31 3.86 -2.31
C GLN A 21 6.14 3.51 -3.79
N ASP A 22 4.91 3.17 -4.17
CA ASP A 22 4.63 2.82 -5.56
C ASP A 22 5.00 3.96 -6.51
N ASP A 23 4.98 5.18 -5.99
CA ASP A 23 5.30 6.35 -6.78
C ASP A 23 6.82 6.47 -6.97
N ILE A 24 7.56 6.26 -5.90
CA ILE A 24 9.02 6.33 -5.95
C ILE A 24 9.64 4.94 -5.97
N ASP A 25 9.06 4.04 -6.75
CA ASP A 25 9.56 2.68 -6.85
C ASP A 25 10.77 2.61 -7.77
N PHE A 26 10.75 3.42 -8.83
CA PHE A 26 11.86 3.45 -9.78
C PHE A 26 13.18 3.75 -9.09
N LYS A 27 13.11 4.53 -8.01
CA LYS A 27 14.31 4.88 -7.26
C LYS A 27 15.06 3.63 -6.81
N ARG A 28 14.33 2.54 -6.62
CA ARG A 28 14.93 1.28 -6.20
C ARG A 28 15.34 0.44 -7.41
N ALA A 29 14.65 0.65 -8.53
CA ALA A 29 14.94 -0.09 -9.75
C ALA A 29 16.27 0.35 -10.36
N GLU A 30 16.66 1.60 -10.07
CA GLU A 30 17.91 2.15 -10.60
C GLU A 30 19.05 1.91 -9.62
N LEU A 31 18.73 1.85 -8.33
CA LEU A 31 19.73 1.62 -7.30
C LEU A 31 20.26 0.19 -7.35
N ALA A 32 19.37 -0.75 -7.66
CA ALA A 32 19.75 -2.16 -7.76
C ALA A 32 20.93 -2.35 -8.70
N LEU A 33 21.00 -1.50 -9.72
CA LEU A 33 22.08 -1.58 -10.70
C LEU A 33 23.43 -1.29 -10.05
N LYS A 34 23.52 -0.16 -9.36
CA LYS A 34 24.75 0.23 -8.69
C LYS A 34 24.80 -0.34 -7.27
N ARG A 35 25.41 -1.51 -7.13
CA ARG A 35 25.52 -2.16 -5.84
C ARG A 35 26.67 -1.57 -5.03
N ALA A 36 27.83 -1.43 -5.66
CA ALA A 36 29.01 -0.87 -5.02
C ALA A 36 28.71 0.52 -4.45
N MET A 37 28.15 1.38 -5.30
CA MET A 37 27.82 2.74 -4.89
C MET A 37 26.83 2.74 -3.73
N ASN A 38 25.84 1.86 -3.81
CA ASN A 38 24.83 1.75 -2.77
C ASN A 38 25.47 1.49 -1.41
N ARG A 39 26.40 0.55 -1.38
CA ARG A 39 27.09 0.21 -0.14
C ARG A 39 27.67 1.45 0.53
N LEU A 40 28.38 2.25 -0.25
CA LEU A 40 28.99 3.48 0.27
C LEU A 40 28.42 4.71 -0.43
N ILE A 1 -5.72 -7.67 25.24
CA ILE A 1 -6.43 -7.05 24.13
C ILE A 1 -5.89 -5.67 23.82
N ASP A 2 -5.32 -5.02 24.85
CA ASP A 2 -4.76 -3.68 24.69
C ASP A 2 -3.52 -3.73 23.80
N VAL A 3 -2.85 -4.87 23.78
CA VAL A 3 -1.64 -5.04 22.97
C VAL A 3 -1.99 -5.21 21.50
N LEU A 4 -2.97 -6.07 21.22
CA LEU A 4 -3.40 -6.32 19.86
C LEU A 4 -3.88 -5.04 19.19
N ARG A 5 -4.41 -4.12 19.99
CA ARG A 5 -4.91 -2.85 19.47
C ARG A 5 -3.75 -1.98 18.97
N ALA A 6 -2.66 -1.95 19.73
CA ALA A 6 -1.50 -1.17 19.36
C ALA A 6 -0.84 -1.72 18.11
N LYS A 7 -0.79 -3.05 18.00
CA LYS A 7 -0.19 -3.71 16.85
C LYS A 7 -0.96 -3.37 15.58
N ALA A 8 -2.28 -3.49 15.65
CA ALA A 8 -3.12 -3.20 14.50
C ALA A 8 -2.92 -1.77 13.99
N ALA A 9 -2.77 -0.84 14.92
CA ALA A 9 -2.56 0.56 14.58
C ALA A 9 -1.28 0.73 13.76
N LYS A 10 -0.21 0.11 14.21
CA LYS A 10 1.08 0.20 13.52
C LYS A 10 0.98 -0.38 12.11
N GLU A 11 0.29 -1.52 11.99
CA GLU A 11 0.12 -2.18 10.71
C GLU A 11 -0.55 -1.24 9.70
N ARG A 12 -1.61 -0.57 10.14
CA ARG A 12 -2.34 0.35 9.29
C ARG A 12 -1.42 1.45 8.76
N ALA A 13 -0.43 1.81 9.56
CA ALA A 13 0.52 2.85 9.17
C ALA A 13 1.78 2.24 8.57
N GLU A 14 1.69 0.98 8.14
CA GLU A 14 2.82 0.29 7.55
C GLU A 14 2.57 0.00 6.06
N ARG A 15 1.33 -0.38 5.75
CA ARG A 15 0.97 -0.70 4.38
C ARG A 15 0.49 0.56 3.65
N ARG A 16 -0.16 1.45 4.38
CA ARG A 16 -0.67 2.70 3.80
C ARG A 16 0.47 3.69 3.58
N LEU A 17 1.42 3.71 4.51
CA LEU A 17 2.57 4.61 4.42
C LEU A 17 3.40 4.31 3.18
N GLN A 18 3.43 3.04 2.79
CA GLN A 18 4.19 2.61 1.62
C GLN A 18 3.68 3.31 0.36
N SER A 19 2.38 3.59 0.33
CA SER A 19 1.77 4.24 -0.82
C SER A 19 2.32 5.65 -1.00
N GLN A 20 2.46 6.38 0.11
CA GLN A 20 2.98 7.74 0.07
C GLN A 20 4.49 7.74 -0.10
N GLN A 21 5.15 6.77 0.52
CA GLN A 21 6.60 6.66 0.44
C GLN A 21 7.05 6.39 -0.99
N ASP A 22 6.20 5.71 -1.76
CA ASP A 22 6.53 5.40 -3.15
C ASP A 22 6.60 6.67 -3.99
N ASP A 23 5.74 7.63 -3.68
CA ASP A 23 5.70 8.89 -4.40
C ASP A 23 6.88 9.78 -4.01
N ILE A 24 7.33 9.64 -2.76
CA ILE A 24 8.45 10.43 -2.27
C ILE A 24 9.78 9.81 -2.68
N ASP A 25 9.80 8.49 -2.81
CA ASP A 25 11.02 7.78 -3.21
C ASP A 25 11.56 8.34 -4.52
N PHE A 26 10.66 8.73 -5.42
CA PHE A 26 11.06 9.28 -6.71
C PHE A 26 11.97 10.49 -6.54
N LYS A 27 11.47 11.50 -5.81
CA LYS A 27 12.24 12.71 -5.58
C LYS A 27 13.56 12.39 -4.88
N ARG A 28 13.53 11.41 -3.98
CA ARG A 28 14.72 11.00 -3.25
C ARG A 28 15.76 10.41 -4.20
N ALA A 29 15.28 9.81 -5.28
CA ALA A 29 16.18 9.20 -6.26
C ALA A 29 17.24 10.19 -6.73
N GLU A 30 16.86 11.45 -6.83
CA GLU A 30 17.78 12.50 -7.27
C GLU A 30 19.03 12.52 -6.41
N LEU A 31 18.88 12.16 -5.14
CA LEU A 31 19.99 12.14 -4.21
C LEU A 31 20.90 10.94 -4.47
N ALA A 32 20.29 9.83 -4.87
CA ALA A 32 21.05 8.62 -5.16
C ALA A 32 21.86 8.76 -6.45
N LEU A 33 21.39 9.63 -7.33
CA LEU A 33 22.07 9.87 -8.60
C LEU A 33 23.21 10.88 -8.43
N LYS A 34 23.06 11.77 -7.46
CA LYS A 34 24.07 12.79 -7.20
C LYS A 34 24.44 12.81 -5.72
N ARG A 35 25.51 12.10 -5.37
CA ARG A 35 25.96 12.03 -3.99
C ARG A 35 27.13 12.98 -3.76
N ALA A 36 28.08 12.98 -4.69
CA ALA A 36 29.25 13.86 -4.60
C ALA A 36 29.03 15.17 -5.34
N MET A 37 28.32 15.09 -6.46
CA MET A 37 28.04 16.27 -7.27
C MET A 37 27.30 17.32 -6.45
N ASN A 38 26.49 16.86 -5.50
CA ASN A 38 25.72 17.76 -4.65
C ASN A 38 26.64 18.67 -3.84
N ARG A 39 27.82 18.15 -3.51
CA ARG A 39 28.80 18.92 -2.74
C ARG A 39 29.26 20.15 -3.51
N LEU A 40 29.43 19.99 -4.83
CA LEU A 40 29.87 21.09 -5.68
C LEU A 40 28.68 21.82 -6.29
N ILE A 1 -6.95 -7.32 26.37
CA ILE A 1 -5.63 -6.76 26.11
C ILE A 1 -5.70 -5.60 25.13
N ASP A 2 -5.55 -4.39 25.64
CA ASP A 2 -5.60 -3.19 24.80
C ASP A 2 -4.38 -3.12 23.88
N VAL A 3 -3.29 -3.73 24.31
CA VAL A 3 -2.05 -3.74 23.53
C VAL A 3 -2.28 -4.41 22.18
N LEU A 4 -3.12 -5.44 22.16
CA LEU A 4 -3.40 -6.16 20.92
C LEU A 4 -3.86 -5.19 19.82
N ARG A 5 -4.66 -4.20 20.20
CA ARG A 5 -5.15 -3.22 19.25
C ARG A 5 -4.01 -2.40 18.67
N ALA A 6 -2.99 -2.14 19.49
CA ALA A 6 -1.83 -1.37 19.05
C ALA A 6 -1.08 -2.08 17.94
N LYS A 7 -1.10 -3.41 17.98
CA LYS A 7 -0.43 -4.21 16.97
C LYS A 7 -1.03 -3.98 15.59
N ALA A 8 -2.36 -3.96 15.53
CA ALA A 8 -3.07 -3.75 14.28
C ALA A 8 -2.73 -2.38 13.68
N ALA A 9 -2.72 -1.36 14.53
CA ALA A 9 -2.41 0.00 14.09
C ALA A 9 -0.98 0.11 13.63
N LYS A 10 -0.11 -0.75 14.16
CA LYS A 10 1.30 -0.75 13.81
C LYS A 10 1.48 -1.02 12.32
N GLU A 11 0.71 -1.95 11.79
CA GLU A 11 0.79 -2.31 10.38
C GLU A 11 0.06 -1.28 9.52
N ARG A 12 -0.92 -0.61 10.11
CA ARG A 12 -1.69 0.41 9.40
C ARG A 12 -0.79 1.54 8.92
N ALA A 13 0.32 1.76 9.63
CA ALA A 13 1.26 2.81 9.28
C ALA A 13 1.78 2.61 7.86
N GLU A 14 2.45 1.48 7.63
CA GLU A 14 3.01 1.18 6.32
C GLU A 14 1.90 0.96 5.29
N ARG A 15 0.75 0.51 5.77
CA ARG A 15 -0.40 0.26 4.89
C ARG A 15 -0.98 1.56 4.37
N ARG A 16 -0.80 2.64 5.14
CA ARG A 16 -1.30 3.95 4.76
C ARG A 16 -0.59 4.47 3.51
N LEU A 17 0.72 4.59 3.59
CA LEU A 17 1.52 5.07 2.47
C LEU A 17 1.38 4.15 1.26
N GLN A 18 1.34 2.85 1.52
CA GLN A 18 1.20 1.87 0.45
C GLN A 18 -0.27 1.65 0.09
N SER A 19 -0.96 2.74 -0.22
CA SER A 19 -2.37 2.68 -0.58
C SER A 19 -2.55 2.34 -2.05
N GLN A 20 -2.09 3.23 -2.93
CA GLN A 20 -2.19 3.03 -4.36
C GLN A 20 -1.62 1.67 -4.76
N GLN A 21 -0.60 1.23 -4.04
CA GLN A 21 0.04 -0.05 -4.32
C GLN A 21 -0.89 -1.21 -3.99
N ASP A 22 -1.65 -1.05 -2.91
CA ASP A 22 -2.59 -2.09 -2.47
C ASP A 22 -4.01 -1.72 -2.87
N ASP A 23 -4.16 -1.06 -4.00
CA ASP A 23 -5.47 -0.65 -4.49
C ASP A 23 -6.42 -1.84 -4.56
N ILE A 24 -5.85 -3.02 -4.78
CA ILE A 24 -6.65 -4.25 -4.87
C ILE A 24 -6.70 -4.98 -3.53
N ASP A 25 -7.15 -4.27 -2.50
CA ASP A 25 -7.26 -4.85 -1.17
C ASP A 25 -8.68 -5.31 -0.88
N PHE A 26 -9.65 -4.62 -1.46
CA PHE A 26 -11.06 -4.95 -1.27
C PHE A 26 -11.38 -6.29 -1.91
N LYS A 27 -11.10 -6.41 -3.20
CA LYS A 27 -11.37 -7.65 -3.93
C LYS A 27 -10.68 -8.84 -3.26
N ARG A 28 -9.60 -8.55 -2.55
CA ARG A 28 -8.84 -9.60 -1.86
C ARG A 28 -9.51 -9.97 -0.54
N ALA A 29 -10.23 -9.02 0.04
CA ALA A 29 -10.92 -9.25 1.31
C ALA A 29 -12.07 -10.23 1.13
N GLU A 30 -12.76 -10.14 0.00
CA GLU A 30 -13.89 -11.02 -0.29
C GLU A 30 -13.43 -12.48 -0.34
N LEU A 31 -12.23 -12.71 -0.85
CA LEU A 31 -11.69 -14.05 -0.95
C LEU A 31 -11.41 -14.64 0.43
N ALA A 32 -10.99 -13.77 1.36
CA ALA A 32 -10.70 -14.20 2.71
C ALA A 32 -11.97 -14.69 3.42
N LEU A 33 -13.10 -14.13 3.03
CA LEU A 33 -14.38 -14.51 3.63
C LEU A 33 -14.93 -15.78 2.99
N LYS A 34 -15.26 -15.69 1.70
CA LYS A 34 -15.80 -16.83 0.97
C LYS A 34 -14.67 -17.75 0.49
N ARG A 35 -14.47 -18.85 1.20
CA ARG A 35 -13.43 -19.81 0.86
C ARG A 35 -14.02 -21.19 0.61
N ALA A 36 -14.95 -21.60 1.47
CA ALA A 36 -15.59 -22.91 1.35
C ALA A 36 -16.53 -22.94 0.16
N MET A 37 -17.10 -21.78 -0.17
CA MET A 37 -18.03 -21.68 -1.29
C MET A 37 -17.38 -22.18 -2.58
N ASN A 38 -16.07 -21.98 -2.69
CA ASN A 38 -15.32 -22.42 -3.87
C ASN A 38 -15.49 -23.92 -4.10
N ARG A 39 -15.31 -24.69 -3.03
CA ARG A 39 -15.44 -26.14 -3.11
C ARG A 39 -16.77 -26.54 -3.74
N LEU A 40 -17.86 -26.01 -3.19
CA LEU A 40 -19.19 -26.31 -3.70
C LEU A 40 -19.62 -25.29 -4.76
N ILE A 1 -6.43 -8.53 25.00
CA ILE A 1 -5.16 -7.85 25.24
C ILE A 1 -5.16 -6.46 24.61
N ASP A 2 -4.91 -5.45 25.44
CA ASP A 2 -4.87 -4.07 24.97
C ASP A 2 -3.75 -3.87 23.96
N VAL A 3 -2.66 -4.60 24.14
CA VAL A 3 -1.51 -4.51 23.25
C VAL A 3 -1.88 -4.91 21.83
N LEU A 4 -2.73 -5.94 21.71
CA LEU A 4 -3.16 -6.42 20.42
C LEU A 4 -3.76 -5.29 19.58
N ARG A 5 -4.50 -4.41 20.23
CA ARG A 5 -5.13 -3.28 19.55
C ARG A 5 -4.08 -2.34 18.98
N ALA A 6 -3.14 -1.94 19.82
CA ALA A 6 -2.07 -1.03 19.40
C ALA A 6 -1.24 -1.65 18.28
N LYS A 7 -1.16 -2.98 18.27
CA LYS A 7 -0.40 -3.69 17.26
C LYS A 7 -1.04 -3.55 15.88
N ALA A 8 -2.37 -3.53 15.86
CA ALA A 8 -3.12 -3.39 14.61
C ALA A 8 -2.93 -2.00 14.01
N ALA A 9 -2.83 -1.00 14.88
CA ALA A 9 -2.64 0.38 14.45
C ALA A 9 -1.31 0.56 13.74
N LYS A 10 -0.33 -0.25 14.11
CA LYS A 10 1.00 -0.19 13.51
C LYS A 10 0.98 -0.76 12.10
N GLU A 11 0.12 -1.76 11.88
CA GLU A 11 0.01 -2.40 10.57
C GLU A 11 -0.49 -1.41 9.53
N ARG A 12 -1.40 -0.54 9.94
CA ARG A 12 -1.96 0.47 9.03
C ARG A 12 -0.89 1.46 8.59
N ALA A 13 0.05 1.74 9.48
CA ALA A 13 1.13 2.67 9.19
C ALA A 13 2.00 2.17 8.03
N GLU A 14 2.14 0.84 7.95
CA GLU A 14 2.95 0.24 6.90
C GLU A 14 2.40 0.59 5.52
N ARG A 15 1.25 0.02 5.19
CA ARG A 15 0.62 0.29 3.90
C ARG A 15 0.48 1.77 3.65
N ARG A 16 0.33 2.54 4.73
CA ARG A 16 0.19 3.99 4.63
C ARG A 16 1.43 4.62 4.02
N LEU A 17 2.60 4.24 4.52
CA LEU A 17 3.86 4.77 4.02
C LEU A 17 3.97 4.58 2.51
N GLN A 18 3.72 3.36 2.04
CA GLN A 18 3.79 3.06 0.62
C GLN A 18 2.45 3.30 -0.05
N SER A 19 1.89 4.48 0.15
CA SER A 19 0.60 4.84 -0.43
C SER A 19 0.78 5.39 -1.84
N GLN A 20 1.94 5.98 -2.10
CA GLN A 20 2.23 6.55 -3.41
C GLN A 20 2.16 5.48 -4.49
N GLN A 21 2.73 4.31 -4.21
CA GLN A 21 2.73 3.20 -5.16
C GLN A 21 1.37 2.52 -5.20
N ASP A 22 0.66 2.56 -4.07
CA ASP A 22 -0.65 1.94 -3.98
C ASP A 22 -1.65 2.62 -4.93
N ASP A 23 -1.48 3.93 -5.10
CA ASP A 23 -2.36 4.69 -5.98
C ASP A 23 -2.40 4.09 -7.38
N ILE A 24 -1.27 3.52 -7.80
CA ILE A 24 -1.17 2.90 -9.12
C ILE A 24 -1.14 1.39 -9.01
N ASP A 25 -2.15 0.82 -8.37
CA ASP A 25 -2.25 -0.63 -8.21
C ASP A 25 -3.14 -1.24 -9.28
N PHE A 26 -4.08 -0.46 -9.79
CA PHE A 26 -5.00 -0.93 -10.82
C PHE A 26 -4.23 -1.49 -12.01
N LYS A 27 -3.07 -0.92 -12.29
CA LYS A 27 -2.23 -1.37 -13.40
C LYS A 27 -1.90 -2.85 -13.27
N ARG A 28 -1.79 -3.31 -12.03
CA ARG A 28 -1.49 -4.72 -11.77
C ARG A 28 -2.51 -5.64 -12.42
N ALA A 29 -3.76 -5.17 -12.49
CA ALA A 29 -4.83 -5.94 -13.10
C ALA A 29 -4.70 -5.96 -14.61
N GLU A 30 -4.10 -4.92 -15.16
CA GLU A 30 -3.92 -4.82 -16.62
C GLU A 30 -2.80 -5.74 -17.08
N LEU A 31 -1.84 -6.00 -16.20
CA LEU A 31 -0.71 -6.86 -16.52
C LEU A 31 -1.18 -8.22 -17.02
N ALA A 32 -2.34 -8.65 -16.53
CA ALA A 32 -2.92 -9.93 -16.93
C ALA A 32 -3.51 -9.86 -18.33
N LEU A 33 -4.36 -8.87 -18.56
CA LEU A 33 -4.99 -8.69 -19.86
C LEU A 33 -3.95 -8.65 -20.97
N LYS A 34 -2.92 -7.83 -20.77
CA LYS A 34 -1.85 -7.69 -21.75
C LYS A 34 -0.70 -8.65 -21.44
N ARG A 35 -0.53 -9.66 -22.30
CA ARG A 35 0.52 -10.64 -22.12
C ARG A 35 1.56 -10.53 -23.24
N ALA A 36 1.09 -10.50 -24.48
CA ALA A 36 1.97 -10.40 -25.63
C ALA A 36 2.79 -9.10 -25.58
N MET A 37 2.22 -8.08 -24.93
CA MET A 37 2.91 -6.80 -24.83
C MET A 37 4.25 -6.95 -24.12
N ASN A 38 4.30 -7.80 -23.12
CA ASN A 38 5.52 -8.05 -22.36
C ASN A 38 6.61 -8.63 -23.26
N ARG A 39 6.21 -9.53 -24.16
CA ARG A 39 7.14 -10.16 -25.08
C ARG A 39 7.79 -9.13 -25.99
N LEU A 40 6.97 -8.38 -26.71
CA LEU A 40 7.46 -7.35 -27.62
C LEU A 40 6.99 -5.97 -27.19
N ILE A 1 -8.42 -5.63 24.69
CA ILE A 1 -7.50 -5.96 23.61
C ILE A 1 -6.64 -4.76 23.23
N ASP A 2 -6.22 -4.00 24.23
CA ASP A 2 -5.40 -2.82 24.00
C ASP A 2 -4.06 -3.21 23.36
N VAL A 3 -3.47 -4.30 23.87
CA VAL A 3 -2.20 -4.77 23.36
C VAL A 3 -2.30 -5.20 21.90
N LEU A 4 -3.36 -5.95 21.59
CA LEU A 4 -3.58 -6.42 20.23
C LEU A 4 -3.92 -5.26 19.30
N ARG A 5 -4.65 -4.28 19.81
CA ARG A 5 -5.04 -3.12 19.03
C ARG A 5 -3.84 -2.24 18.73
N ALA A 6 -2.83 -2.29 19.61
CA ALA A 6 -1.63 -1.51 19.45
C ALA A 6 -0.83 -1.96 18.23
N LYS A 7 -0.75 -3.27 18.05
CA LYS A 7 -0.01 -3.84 16.92
C LYS A 7 -0.74 -3.56 15.60
N ALA A 8 -2.06 -3.47 15.68
CA ALA A 8 -2.87 -3.20 14.49
C ALA A 8 -2.68 -1.77 14.01
N ALA A 9 -2.48 -0.86 14.96
CA ALA A 9 -2.29 0.55 14.62
C ALA A 9 -1.00 0.75 13.83
N LYS A 10 0.08 0.15 14.31
CA LYS A 10 1.38 0.27 13.64
C LYS A 10 1.30 -0.26 12.21
N GLU A 11 0.75 -1.45 12.05
CA GLU A 11 0.63 -2.08 10.74
C GLU A 11 -0.23 -1.20 9.81
N ARG A 12 -1.19 -0.50 10.39
CA ARG A 12 -2.07 0.36 9.62
C ARG A 12 -1.27 1.42 8.86
N ALA A 13 -0.16 1.85 9.45
CA ALA A 13 0.69 2.85 8.84
C ALA A 13 1.51 2.27 7.70
N GLU A 14 2.02 1.06 7.91
CA GLU A 14 2.82 0.37 6.90
C GLU A 14 2.04 0.24 5.59
N ARG A 15 0.84 -0.33 5.67
CA ARG A 15 0.00 -0.51 4.50
C ARG A 15 -0.19 0.81 3.76
N ARG A 16 -0.42 1.88 4.50
CA ARG A 16 -0.62 3.21 3.92
C ARG A 16 0.57 3.59 3.03
N LEU A 17 1.75 3.62 3.62
CA LEU A 17 2.96 3.97 2.89
C LEU A 17 3.14 3.07 1.67
N GLN A 18 2.70 1.83 1.79
CA GLN A 18 2.82 0.87 0.70
C GLN A 18 1.60 0.94 -0.22
N SER A 19 1.28 2.14 -0.67
CA SER A 19 0.14 2.35 -1.55
C SER A 19 0.57 2.36 -3.02
N GLN A 20 1.72 2.97 -3.28
CA GLN A 20 2.26 3.05 -4.63
C GLN A 20 2.42 1.66 -5.24
N GLN A 21 2.86 0.71 -4.41
CA GLN A 21 3.05 -0.67 -4.86
C GLN A 21 1.74 -1.28 -5.34
N ASP A 22 0.64 -0.87 -4.72
CA ASP A 22 -0.68 -1.37 -5.08
C ASP A 22 -1.41 -0.39 -6.00
N ASP A 23 -0.67 0.20 -6.94
CA ASP A 23 -1.24 1.15 -7.88
C ASP A 23 -2.35 0.50 -8.71
N ILE A 24 -2.23 -0.81 -8.91
CA ILE A 24 -3.21 -1.55 -9.69
C ILE A 24 -4.37 -2.03 -8.82
N ASP A 25 -5.01 -1.08 -8.13
CA ASP A 25 -6.13 -1.41 -7.26
C ASP A 25 -7.46 -1.16 -7.96
N PHE A 26 -7.52 -0.09 -8.75
CA PHE A 26 -8.72 0.27 -9.47
C PHE A 26 -9.13 -0.85 -10.42
N LYS A 27 -8.19 -1.30 -11.24
CA LYS A 27 -8.45 -2.38 -12.20
C LYS A 27 -8.74 -3.69 -11.48
N ARG A 28 -8.16 -3.84 -10.29
CA ARG A 28 -8.35 -5.05 -9.50
C ARG A 28 -9.76 -5.11 -8.92
N ALA A 29 -10.22 -3.98 -8.38
CA ALA A 29 -11.55 -3.91 -7.79
C ALA A 29 -12.62 -4.17 -8.84
N GLU A 30 -12.34 -3.79 -10.08
CA GLU A 30 -13.29 -3.97 -11.18
C GLU A 30 -13.67 -5.43 -11.32
N LEU A 31 -12.75 -6.32 -10.97
CA LEU A 31 -12.99 -7.76 -11.06
C LEU A 31 -13.75 -8.26 -9.85
N ALA A 32 -13.34 -7.81 -8.66
CA ALA A 32 -13.99 -8.21 -7.43
C ALA A 32 -15.46 -7.83 -7.43
N LEU A 33 -15.79 -6.75 -8.12
CA LEU A 33 -17.16 -6.29 -8.21
C LEU A 33 -18.09 -7.40 -8.70
N LYS A 34 -17.55 -8.28 -9.55
CA LYS A 34 -18.32 -9.39 -10.09
C LYS A 34 -18.22 -10.62 -9.18
N ARG A 35 -19.02 -11.63 -9.48
CA ARG A 35 -19.01 -12.87 -8.70
C ARG A 35 -18.96 -14.08 -9.61
N ALA A 36 -19.83 -14.12 -10.60
CA ALA A 36 -19.88 -15.24 -11.54
C ALA A 36 -18.56 -15.38 -12.29
N MET A 37 -17.89 -14.25 -12.52
CA MET A 37 -16.62 -14.25 -13.23
C MET A 37 -15.53 -14.90 -12.39
N ASN A 38 -15.54 -14.61 -11.08
CA ASN A 38 -14.55 -15.17 -10.17
C ASN A 38 -14.61 -16.69 -10.16
N ARG A 39 -15.82 -17.22 -10.35
CA ARG A 39 -16.01 -18.67 -10.37
C ARG A 39 -15.48 -19.29 -11.66
N LEU A 40 -15.55 -18.51 -12.74
CA LEU A 40 -15.07 -18.98 -14.04
C LEU A 40 -14.34 -17.87 -14.78
N ILE A 1 -6.50 -7.78 24.74
CA ILE A 1 -7.19 -7.14 23.63
C ILE A 1 -6.53 -5.82 23.26
N ASP A 2 -6.39 -4.93 24.24
CA ASP A 2 -5.78 -3.63 24.01
C ASP A 2 -4.33 -3.79 23.57
N VAL A 3 -3.65 -4.78 24.13
CA VAL A 3 -2.25 -5.04 23.78
C VAL A 3 -2.10 -5.34 22.29
N LEU A 4 -3.11 -5.99 21.72
CA LEU A 4 -3.08 -6.34 20.31
C LEU A 4 -3.48 -5.14 19.44
N ARG A 5 -4.40 -4.33 19.96
CA ARG A 5 -4.86 -3.16 19.24
C ARG A 5 -3.69 -2.25 18.86
N ALA A 6 -2.67 -2.23 19.71
CA ALA A 6 -1.48 -1.41 19.46
C ALA A 6 -0.84 -1.77 18.12
N LYS A 7 -0.70 -3.07 17.87
CA LYS A 7 -0.10 -3.54 16.62
C LYS A 7 -0.99 -3.23 15.43
N ALA A 8 -2.31 -3.27 15.65
CA ALA A 8 -3.26 -2.99 14.59
C ALA A 8 -3.03 -1.62 13.98
N ALA A 9 -2.56 -0.69 14.81
CA ALA A 9 -2.28 0.67 14.34
C ALA A 9 -1.01 0.72 13.51
N LYS A 10 0.05 0.10 14.02
CA LYS A 10 1.33 0.07 13.32
C LYS A 10 1.20 -0.62 11.97
N GLU A 11 0.27 -1.57 11.89
CA GLU A 11 0.04 -2.30 10.65
C GLU A 11 -0.61 -1.42 9.60
N ARG A 12 -1.60 -0.64 10.01
CA ARG A 12 -2.30 0.27 9.10
C ARG A 12 -1.34 1.29 8.51
N ALA A 13 -0.46 1.82 9.34
CA ALA A 13 0.51 2.81 8.90
C ALA A 13 1.53 2.20 7.95
N GLU A 14 2.03 1.01 8.29
CA GLU A 14 3.01 0.32 7.46
C GLU A 14 2.49 0.13 6.04
N ARG A 15 1.18 -0.08 5.91
CA ARG A 15 0.55 -0.27 4.62
C ARG A 15 0.39 1.06 3.89
N ARG A 16 0.23 2.13 4.66
CA ARG A 16 0.06 3.47 4.10
C ARG A 16 1.27 3.86 3.24
N LEU A 17 2.46 3.65 3.79
CA LEU A 17 3.70 3.99 3.09
C LEU A 17 3.84 3.15 1.82
N GLN A 18 3.46 1.87 1.92
CA GLN A 18 3.55 0.97 0.78
C GLN A 18 2.59 1.38 -0.33
N SER A 19 1.37 1.76 0.07
CA SER A 19 0.35 2.18 -0.89
C SER A 19 0.69 3.55 -1.48
N GLN A 20 1.36 4.37 -0.69
CA GLN A 20 1.74 5.71 -1.14
C GLN A 20 2.63 5.64 -2.37
N GLN A 21 3.41 4.57 -2.46
CA GLN A 21 4.31 4.38 -3.59
C GLN A 21 3.54 3.97 -4.85
N ASP A 22 2.43 3.27 -4.64
CA ASP A 22 1.60 2.82 -5.76
C ASP A 22 0.38 3.71 -5.91
N ASP A 23 0.52 4.98 -5.55
CA ASP A 23 -0.58 5.94 -5.65
C ASP A 23 -0.72 6.45 -7.08
N ILE A 24 0.35 7.06 -7.59
CA ILE A 24 0.33 7.60 -8.94
C ILE A 24 1.06 6.67 -9.91
N ASP A 25 0.63 5.42 -9.96
CA ASP A 25 1.24 4.44 -10.84
C ASP A 25 0.53 4.38 -12.18
N PHE A 26 -0.76 4.71 -12.17
CA PHE A 26 -1.57 4.69 -13.39
C PHE A 26 -1.59 6.07 -14.04
N LYS A 27 -1.51 7.11 -13.21
CA LYS A 27 -1.52 8.48 -13.70
C LYS A 27 -0.23 8.80 -14.46
N ARG A 28 0.84 8.11 -14.12
CA ARG A 28 2.13 8.32 -14.77
C ARG A 28 2.13 7.71 -16.17
N ALA A 29 1.67 6.48 -16.28
CA ALA A 29 1.61 5.78 -17.56
C ALA A 29 0.58 6.42 -18.48
N GLU A 30 -0.47 6.98 -17.89
CA GLU A 30 -1.53 7.63 -18.66
C GLU A 30 -0.99 8.83 -19.43
N LEU A 31 -0.41 9.78 -18.70
CA LEU A 31 0.14 10.98 -19.32
C LEU A 31 1.23 10.62 -20.33
N ALA A 32 1.91 9.51 -20.09
CA ALA A 32 2.97 9.05 -20.98
C ALA A 32 2.42 8.66 -22.33
N LEU A 33 1.59 7.61 -22.36
CA LEU A 33 0.99 7.14 -23.59
C LEU A 33 0.26 8.26 -24.32
N LYS A 34 -0.47 9.08 -23.55
CA LYS A 34 -1.21 10.20 -24.11
C LYS A 34 -0.27 11.19 -24.79
N ARG A 35 -0.51 11.43 -26.08
CA ARG A 35 0.32 12.36 -26.85
C ARG A 35 -0.53 13.50 -27.39
N ALA A 36 -1.69 13.17 -27.94
CA ALA A 36 -2.59 14.17 -28.50
C ALA A 36 -2.89 15.26 -27.47
N MET A 37 -3.11 14.86 -26.23
CA MET A 37 -3.41 15.80 -25.16
C MET A 37 -2.32 16.86 -25.05
N ASN A 38 -1.08 16.45 -25.29
CA ASN A 38 0.06 17.36 -25.21
C ASN A 38 -0.01 18.41 -26.31
N ARG A 39 -0.39 17.99 -27.51
CA ARG A 39 -0.50 18.88 -28.64
C ARG A 39 -1.52 19.98 -28.38
N LEU A 40 -2.76 19.58 -28.07
CA LEU A 40 -3.83 20.52 -27.79
C LEU A 40 -4.08 20.63 -26.29
N ILE A 1 -6.02 -5.78 26.98
CA ILE A 1 -5.49 -6.15 25.67
C ILE A 1 -5.22 -4.92 24.82
N ASP A 2 -4.65 -3.88 25.44
CA ASP A 2 -4.34 -2.65 24.73
C ASP A 2 -3.30 -2.89 23.65
N VAL A 3 -2.32 -3.74 23.96
CA VAL A 3 -1.26 -4.06 23.01
C VAL A 3 -1.82 -4.69 21.74
N LEU A 4 -2.89 -5.46 21.90
CA LEU A 4 -3.52 -6.12 20.75
C LEU A 4 -4.01 -5.09 19.74
N ARG A 5 -4.83 -4.14 20.20
CA ARG A 5 -5.37 -3.10 19.33
C ARG A 5 -4.25 -2.22 18.78
N ALA A 6 -3.18 -2.07 19.57
CA ALA A 6 -2.04 -1.25 19.16
C ALA A 6 -1.26 -1.92 18.05
N LYS A 7 -1.14 -3.24 18.12
CA LYS A 7 -0.41 -3.99 17.11
C LYS A 7 -1.05 -3.84 15.74
N ALA A 8 -2.39 -3.81 15.71
CA ALA A 8 -3.12 -3.65 14.47
C ALA A 8 -2.86 -2.28 13.84
N ALA A 9 -2.76 -1.26 14.69
CA ALA A 9 -2.52 0.10 14.23
C ALA A 9 -1.11 0.23 13.65
N LYS A 10 -0.19 -0.58 14.15
CA LYS A 10 1.19 -0.55 13.68
C LYS A 10 1.29 -1.00 12.23
N GLU A 11 0.53 -2.03 11.88
CA GLU A 11 0.52 -2.55 10.53
C GLU A 11 -0.19 -1.60 9.57
N ARG A 12 -1.12 -0.82 10.12
CA ARG A 12 -1.89 0.13 9.32
C ARG A 12 -0.99 1.25 8.80
N ALA A 13 -0.02 1.64 9.61
CA ALA A 13 0.91 2.70 9.23
C ALA A 13 1.74 2.30 8.01
N GLU A 14 2.20 1.05 8.00
CA GLU A 14 3.00 0.55 6.89
C GLU A 14 2.28 0.76 5.56
N ARG A 15 0.96 0.64 5.57
CA ARG A 15 0.16 0.82 4.37
C ARG A 15 0.15 2.28 3.94
N ARG A 16 -0.05 3.18 4.89
CA ARG A 16 -0.07 4.60 4.61
C ARG A 16 1.29 5.10 4.16
N LEU A 17 2.35 4.54 4.75
CA LEU A 17 3.71 4.93 4.41
C LEU A 17 3.96 4.78 2.91
N GLN A 18 3.78 3.56 2.40
CA GLN A 18 3.98 3.29 0.99
C GLN A 18 2.70 3.54 0.19
N SER A 19 2.14 4.74 0.34
CA SER A 19 0.91 5.10 -0.35
C SER A 19 1.11 5.08 -1.86
N GLN A 20 2.17 5.73 -2.31
CA GLN A 20 2.48 5.79 -3.74
C GLN A 20 3.30 4.58 -4.17
N GLN A 21 4.19 4.12 -3.29
CA GLN A 21 5.04 2.97 -3.58
C GLN A 21 4.20 1.72 -3.76
N ASP A 22 3.23 1.52 -2.86
CA ASP A 22 2.37 0.35 -2.91
C ASP A 22 1.06 0.68 -3.63
N ASP A 23 1.14 1.55 -4.63
CA ASP A 23 -0.04 1.96 -5.39
C ASP A 23 -0.50 0.83 -6.30
N ILE A 24 0.45 0.10 -6.88
CA ILE A 24 0.14 -1.01 -7.77
C ILE A 24 -0.07 -2.30 -6.99
N ASP A 25 -0.99 -2.27 -6.03
CA ASP A 25 -1.28 -3.45 -5.21
C ASP A 25 -2.32 -4.32 -5.90
N PHE A 26 -3.20 -3.71 -6.68
CA PHE A 26 -4.24 -4.45 -7.39
C PHE A 26 -3.65 -5.59 -8.21
N LYS A 27 -2.73 -5.24 -9.11
CA LYS A 27 -2.08 -6.23 -9.96
C LYS A 27 -1.34 -7.26 -9.12
N ARG A 28 -0.89 -6.86 -7.94
CA ARG A 28 -0.17 -7.74 -7.05
C ARG A 28 -1.05 -8.89 -6.57
N ALA A 29 -2.29 -8.55 -6.21
CA ALA A 29 -3.24 -9.55 -5.75
C ALA A 29 -3.63 -10.52 -6.87
N GLU A 30 -3.62 -10.02 -8.10
CA GLU A 30 -3.97 -10.83 -9.26
C GLU A 30 -2.92 -11.91 -9.50
N LEU A 31 -1.69 -11.64 -9.07
CA LEU A 31 -0.60 -12.59 -9.23
C LEU A 31 -0.68 -13.70 -8.20
N ALA A 32 -1.01 -13.34 -6.96
CA ALA A 32 -1.13 -14.30 -5.88
C ALA A 32 -2.14 -15.39 -6.23
N LEU A 33 -3.10 -15.04 -7.09
CA LEU A 33 -4.13 -15.99 -7.50
C LEU A 33 -3.52 -17.23 -8.12
N LYS A 34 -2.70 -17.04 -9.15
CA LYS A 34 -2.05 -18.16 -9.83
C LYS A 34 -0.74 -18.51 -9.15
N ARG A 35 -0.59 -19.77 -8.79
CA ARG A 35 0.64 -20.25 -8.14
C ARG A 35 1.67 -20.70 -9.15
N ALA A 36 1.19 -21.12 -10.32
CA ALA A 36 2.08 -21.58 -11.39
C ALA A 36 3.01 -20.46 -11.85
N MET A 37 2.57 -19.22 -11.65
CA MET A 37 3.37 -18.06 -12.05
C MET A 37 4.67 -18.00 -11.25
N ASN A 38 4.59 -18.37 -9.97
CA ASN A 38 5.75 -18.36 -9.10
C ASN A 38 6.88 -19.21 -9.67
N ARG A 39 6.50 -20.26 -10.39
CA ARG A 39 7.47 -21.16 -11.00
C ARG A 39 8.47 -20.39 -11.86
N LEU A 40 7.95 -19.63 -12.81
CA LEU A 40 8.79 -18.85 -13.71
C LEU A 40 9.03 -17.45 -13.14
N ILE A 1 -5.42 -8.17 24.05
CA ILE A 1 -6.41 -7.20 23.62
C ILE A 1 -5.82 -5.79 23.59
N ASP A 2 -5.18 -5.40 24.69
CA ASP A 2 -4.57 -4.07 24.78
C ASP A 2 -3.40 -3.95 23.80
N VAL A 3 -2.51 -4.94 23.83
CA VAL A 3 -1.35 -4.94 22.96
C VAL A 3 -1.75 -5.18 21.50
N LEU A 4 -2.78 -5.98 21.32
CA LEU A 4 -3.28 -6.31 19.98
C LEU A 4 -3.85 -5.06 19.29
N ARG A 5 -4.42 -4.17 20.09
CA ARG A 5 -5.01 -2.94 19.56
C ARG A 5 -3.92 -2.04 18.97
N ALA A 6 -2.86 -1.82 19.74
CA ALA A 6 -1.75 -0.98 19.30
C ALA A 6 -1.02 -1.61 18.12
N LYS A 7 -1.02 -2.93 18.07
CA LYS A 7 -0.36 -3.67 16.99
C LYS A 7 -1.14 -3.54 15.70
N ALA A 8 -2.44 -3.34 15.81
CA ALA A 8 -3.31 -3.21 14.65
C ALA A 8 -3.06 -1.88 13.93
N ALA A 9 -2.99 -0.80 14.70
CA ALA A 9 -2.75 0.52 14.13
C ALA A 9 -1.40 0.58 13.42
N LYS A 10 -0.38 0.02 14.06
CA LYS A 10 0.96 0.01 13.48
C LYS A 10 0.97 -0.70 12.13
N GLU A 11 0.12 -1.71 11.99
CA GLU A 11 0.03 -2.48 10.75
C GLU A 11 -0.47 -1.60 9.61
N ARG A 12 -1.35 -0.66 9.94
CA ARG A 12 -1.91 0.25 8.94
C ARG A 12 -0.93 1.38 8.63
N ALA A 13 -0.09 1.71 9.59
CA ALA A 13 0.89 2.76 9.42
C ALA A 13 1.91 2.40 8.35
N GLU A 14 2.21 1.11 8.23
CA GLU A 14 3.17 0.64 7.25
C GLU A 14 2.47 0.29 5.93
N ARG A 15 1.22 -0.12 6.02
CA ARG A 15 0.44 -0.46 4.84
C ARG A 15 0.10 0.77 4.02
N ARG A 16 -0.09 1.89 4.70
CA ARG A 16 -0.43 3.14 4.05
C ARG A 16 0.79 3.73 3.33
N LEU A 17 1.96 3.39 3.82
CA LEU A 17 3.21 3.88 3.22
C LEU A 17 3.50 3.17 1.92
N GLN A 18 3.26 1.86 1.88
CA GLN A 18 3.50 1.07 0.68
C GLN A 18 2.39 1.31 -0.34
N SER A 19 1.18 1.56 0.14
CA SER A 19 0.04 1.78 -0.73
C SER A 19 0.32 2.95 -1.69
N GLN A 20 0.90 4.01 -1.17
CA GLN A 20 1.22 5.19 -1.97
C GLN A 20 2.16 4.82 -3.11
N GLN A 21 2.99 3.80 -2.89
CA GLN A 21 3.94 3.36 -3.91
C GLN A 21 3.27 2.41 -4.90
N ASP A 22 2.40 1.55 -4.38
CA ASP A 22 1.69 0.59 -5.23
C ASP A 22 0.89 1.30 -6.31
N ASP A 23 0.25 2.41 -5.93
CA ASP A 23 -0.55 3.18 -6.86
C ASP A 23 0.32 3.78 -7.96
N ILE A 24 1.37 4.50 -7.55
CA ILE A 24 2.27 5.14 -8.50
C ILE A 24 3.37 4.17 -8.94
N ASP A 25 2.96 3.02 -9.47
CA ASP A 25 3.91 2.02 -9.92
C ASP A 25 4.08 2.09 -11.44
N PHE A 26 3.05 2.57 -12.13
CA PHE A 26 3.09 2.69 -13.58
C PHE A 26 4.14 3.70 -14.01
N LYS A 27 4.28 4.78 -13.24
CA LYS A 27 5.25 5.83 -13.54
C LYS A 27 6.68 5.30 -13.40
N ARG A 28 6.87 4.38 -12.47
CA ARG A 28 8.19 3.80 -12.24
C ARG A 28 8.68 3.03 -13.46
N ALA A 29 7.74 2.51 -14.23
CA ALA A 29 8.07 1.76 -15.44
C ALA A 29 8.75 2.65 -16.48
N GLU A 30 8.32 3.91 -16.55
CA GLU A 30 8.89 4.85 -17.49
C GLU A 30 10.37 5.09 -17.21
N LEU A 31 10.72 5.07 -15.92
CA LEU A 31 12.10 5.27 -15.51
C LEU A 31 12.99 4.13 -15.99
N ALA A 32 12.41 2.95 -16.14
CA ALA A 32 13.15 1.79 -16.60
C ALA A 32 13.28 1.77 -18.12
N LEU A 33 12.19 2.15 -18.80
CA LEU A 33 12.19 2.18 -20.26
C LEU A 33 13.28 3.09 -20.79
N LYS A 34 13.26 4.35 -20.37
CA LYS A 34 14.26 5.33 -20.80
C LYS A 34 15.66 4.84 -20.47
N ARG A 35 16.36 4.34 -21.48
CA ARG A 35 17.72 3.84 -21.30
C ARG A 35 18.74 4.78 -21.94
N ALA A 36 18.36 5.34 -23.09
CA ALA A 36 19.24 6.26 -23.81
C ALA A 36 19.74 7.38 -22.90
N MET A 37 18.85 7.86 -22.02
CA MET A 37 19.21 8.93 -21.10
C MET A 37 20.42 8.54 -20.26
N ASN A 38 20.48 7.28 -19.84
CA ASN A 38 21.59 6.79 -19.03
C ASN A 38 22.87 6.73 -19.85
N ARG A 39 22.73 6.47 -21.16
CA ARG A 39 23.88 6.39 -22.04
C ARG A 39 24.67 7.69 -22.04
N LEU A 40 23.98 8.80 -21.78
CA LEU A 40 24.63 10.10 -21.74
C LEU A 40 24.32 10.82 -20.43
N ILE A 1 -5.42 -8.17 25.52
CA ILE A 1 -6.11 -7.83 24.29
C ILE A 1 -5.90 -6.36 23.93
N ASP A 2 -5.79 -5.52 24.97
CA ASP A 2 -5.58 -4.09 24.76
C ASP A 2 -4.33 -3.84 23.93
N VAL A 3 -3.33 -4.70 24.09
CA VAL A 3 -2.08 -4.56 23.35
C VAL A 3 -2.27 -4.89 21.87
N LEU A 4 -3.18 -5.82 21.59
CA LEU A 4 -3.46 -6.21 20.21
C LEU A 4 -3.79 -5.01 19.34
N ARG A 5 -4.64 -4.12 19.87
CA ARG A 5 -5.04 -2.92 19.15
C ARG A 5 -3.82 -2.06 18.82
N ALA A 6 -2.82 -2.09 19.70
CA ALA A 6 -1.60 -1.32 19.51
C ALA A 6 -0.85 -1.78 18.27
N LYS A 7 -0.61 -3.09 18.18
CA LYS A 7 0.10 -3.66 17.06
C LYS A 7 -0.70 -3.50 15.77
N ALA A 8 -2.02 -3.58 15.88
CA ALA A 8 -2.90 -3.43 14.73
C ALA A 8 -2.78 -2.05 14.12
N ALA A 9 -2.60 -1.04 14.96
CA ALA A 9 -2.46 0.33 14.51
C ALA A 9 -1.17 0.53 13.72
N LYS A 10 -0.17 -0.28 14.02
CA LYS A 10 1.12 -0.20 13.34
C LYS A 10 1.01 -0.71 11.92
N GLU A 11 0.37 -1.87 11.74
CA GLU A 11 0.21 -2.47 10.43
C GLU A 11 -0.46 -1.48 9.46
N ARG A 12 -1.43 -0.73 9.98
CA ARG A 12 -2.15 0.24 9.17
C ARG A 12 -1.20 1.34 8.68
N ALA A 13 -0.23 1.70 9.51
CA ALA A 13 0.73 2.72 9.16
C ALA A 13 1.60 2.29 7.97
N GLU A 14 2.22 1.12 8.10
CA GLU A 14 3.08 0.60 7.04
C GLU A 14 2.32 0.53 5.72
N ARG A 15 1.05 0.16 5.80
CA ARG A 15 0.21 0.05 4.61
C ARG A 15 0.12 1.38 3.87
N ARG A 16 -0.33 2.41 4.59
CA ARG A 16 -0.47 3.74 4.01
C ARG A 16 0.89 4.28 3.58
N LEU A 17 1.94 3.85 4.26
CA LEU A 17 3.30 4.29 3.94
C LEU A 17 3.97 3.34 2.95
N GLN A 18 3.16 2.49 2.32
CA GLN A 18 3.68 1.53 1.35
C GLN A 18 3.72 2.13 -0.04
N SER A 19 4.31 3.32 -0.16
CA SER A 19 4.42 4.00 -1.44
C SER A 19 5.70 3.59 -2.16
N GLN A 20 6.74 3.30 -1.39
CA GLN A 20 8.02 2.91 -1.97
C GLN A 20 7.85 1.69 -2.87
N GLN A 21 6.89 0.85 -2.54
CA GLN A 21 6.63 -0.36 -3.32
C GLN A 21 6.11 -0.01 -4.72
N ASP A 22 5.48 1.15 -4.83
CA ASP A 22 4.94 1.61 -6.11
C ASP A 22 5.90 2.54 -6.80
N ASP A 23 7.20 2.25 -6.69
CA ASP A 23 8.23 3.07 -7.31
C ASP A 23 8.13 3.01 -8.83
N ILE A 24 7.77 1.84 -9.35
CA ILE A 24 7.65 1.65 -10.79
C ILE A 24 6.68 2.66 -11.39
N ASP A 25 5.66 3.05 -10.61
CA ASP A 25 4.68 4.01 -11.06
C ASP A 25 5.13 5.44 -10.77
N PHE A 26 5.95 5.59 -9.74
CA PHE A 26 6.46 6.91 -9.35
C PHE A 26 7.42 7.44 -10.41
N LYS A 27 8.28 6.57 -10.92
CA LYS A 27 9.24 6.95 -11.95
C LYS A 27 8.55 7.33 -13.24
N ARG A 28 7.38 6.75 -13.48
CA ARG A 28 6.61 7.03 -14.69
C ARG A 28 6.20 8.50 -14.74
N ALA A 29 5.52 8.95 -13.70
CA ALA A 29 5.06 10.33 -13.62
C ALA A 29 6.22 11.31 -13.80
N GLU A 30 7.35 11.00 -13.16
CA GLU A 30 8.53 11.85 -13.25
C GLU A 30 9.01 11.96 -14.70
N LEU A 31 9.04 10.83 -15.39
CA LEU A 31 9.47 10.79 -16.78
C LEU A 31 8.73 11.83 -17.61
N ALA A 32 7.41 11.89 -17.45
CA ALA A 32 6.59 12.84 -18.18
C ALA A 32 6.73 14.24 -17.61
N LEU A 33 7.04 14.32 -16.32
CA LEU A 33 7.21 15.61 -15.64
C LEU A 33 8.30 16.43 -16.32
N LYS A 34 9.44 15.80 -16.58
CA LYS A 34 10.56 16.48 -17.23
C LYS A 34 10.39 16.48 -18.75
N ARG A 35 9.68 17.48 -19.26
CA ARG A 35 9.45 17.61 -20.69
C ARG A 35 10.61 18.33 -21.37
N ALA A 36 11.12 19.36 -20.71
CA ALA A 36 12.23 20.14 -21.24
C ALA A 36 13.46 19.27 -21.47
N MET A 37 13.72 18.37 -20.54
CA MET A 37 14.86 17.47 -20.63
C MET A 37 14.74 16.57 -21.85
N ASN A 38 13.56 15.99 -22.04
CA ASN A 38 13.31 15.09 -23.17
C ASN A 38 13.57 15.82 -24.49
N ARG A 39 13.32 17.13 -24.50
CA ARG A 39 13.53 17.92 -25.70
C ARG A 39 14.99 17.90 -26.13
N LEU A 40 15.88 18.29 -25.22
CA LEU A 40 17.31 18.31 -25.49
C LEU A 40 18.04 17.24 -24.70
N ILE A 1 -4.50 -7.53 25.59
CA ILE A 1 -5.48 -6.95 24.68
C ILE A 1 -4.99 -5.63 24.10
N ASP A 2 -4.37 -4.81 24.95
CA ASP A 2 -3.84 -3.53 24.51
C ASP A 2 -2.83 -3.70 23.38
N VAL A 3 -2.09 -4.80 23.43
CA VAL A 3 -1.08 -5.08 22.41
C VAL A 3 -1.73 -5.25 21.03
N LEU A 4 -2.85 -5.95 21.00
CA LEU A 4 -3.57 -6.19 19.75
C LEU A 4 -4.04 -4.87 19.14
N ARG A 5 -4.50 -3.96 19.99
CA ARG A 5 -4.97 -2.65 19.53
C ARG A 5 -3.82 -1.82 18.96
N ALA A 6 -2.68 -1.87 19.64
CA ALA A 6 -1.51 -1.12 19.20
C ALA A 6 -0.96 -1.67 17.89
N LYS A 7 -0.78 -2.98 17.83
CA LYS A 7 -0.27 -3.63 16.63
C LYS A 7 -1.19 -3.37 15.44
N ALA A 8 -2.50 -3.41 15.68
CA ALA A 8 -3.48 -3.19 14.64
C ALA A 8 -3.26 -1.85 13.96
N ALA A 9 -3.05 -0.80 14.77
CA ALA A 9 -2.81 0.54 14.25
C ALA A 9 -1.42 0.66 13.64
N LYS A 10 -0.44 0.07 14.31
CA LYS A 10 0.94 0.11 13.83
C LYS A 10 1.06 -0.49 12.44
N GLU A 11 0.43 -1.64 12.23
CA GLU A 11 0.46 -2.31 10.94
C GLU A 11 -0.29 -1.50 9.89
N ARG A 12 -1.32 -0.80 10.32
CA ARG A 12 -2.13 0.02 9.42
C ARG A 12 -1.27 1.12 8.79
N ALA A 13 -0.38 1.70 9.58
CA ALA A 13 0.48 2.77 9.09
C ALA A 13 1.59 2.22 8.19
N GLU A 14 1.99 0.97 8.45
CA GLU A 14 3.04 0.33 7.67
C GLU A 14 2.55 0.04 6.25
N ARG A 15 1.26 -0.23 6.12
CA ARG A 15 0.67 -0.52 4.82
C ARG A 15 0.36 0.76 4.06
N ARG A 16 0.09 1.83 4.79
CA ARG A 16 -0.22 3.12 4.19
C ARG A 16 0.98 3.66 3.42
N LEU A 17 2.18 3.37 3.92
CA LEU A 17 3.40 3.82 3.27
C LEU A 17 3.60 3.11 1.93
N GLN A 18 3.54 1.78 1.95
CA GLN A 18 3.73 0.99 0.74
C GLN A 18 2.40 0.81 0.01
N SER A 19 1.78 1.92 -0.35
CA SER A 19 0.49 1.89 -1.06
C SER A 19 0.71 1.98 -2.57
N GLN A 20 1.36 3.06 -3.00
CA GLN A 20 1.62 3.27 -4.42
C GLN A 20 2.39 2.10 -5.01
N GLN A 21 3.38 1.61 -4.27
CA GLN A 21 4.19 0.48 -4.73
C GLN A 21 3.32 -0.74 -4.98
N ASP A 22 2.21 -0.84 -4.25
CA ASP A 22 1.30 -1.97 -4.40
C ASP A 22 0.55 -1.88 -5.72
N ASP A 23 0.27 -0.67 -6.16
CA ASP A 23 -0.45 -0.44 -7.41
C ASP A 23 0.43 -0.79 -8.61
N ILE A 24 1.73 -0.56 -8.47
CA ILE A 24 2.68 -0.85 -9.54
C ILE A 24 3.41 -2.17 -9.29
N ASP A 25 2.66 -3.19 -8.90
CA ASP A 25 3.24 -4.50 -8.62
C ASP A 25 3.26 -5.36 -9.88
N PHE A 26 2.29 -5.13 -10.77
CA PHE A 26 2.21 -5.88 -12.01
C PHE A 26 3.53 -5.83 -12.77
N LYS A 27 3.98 -4.62 -13.09
CA LYS A 27 5.23 -4.42 -13.82
C LYS A 27 6.40 -5.04 -13.05
N ARG A 28 6.33 -4.98 -11.72
CA ARG A 28 7.38 -5.54 -10.88
C ARG A 28 7.67 -6.99 -11.24
N ALA A 29 6.62 -7.71 -11.63
CA ALA A 29 6.75 -9.11 -12.01
C ALA A 29 7.25 -9.24 -13.45
N GLU A 30 6.88 -8.29 -14.29
CA GLU A 30 7.30 -8.30 -15.69
C GLU A 30 8.80 -8.09 -15.81
N LEU A 31 9.38 -7.41 -14.84
CA LEU A 31 10.81 -7.14 -14.83
C LEU A 31 11.60 -8.31 -14.26
N ALA A 32 10.98 -9.01 -13.31
CA ALA A 32 11.62 -10.17 -12.68
C ALA A 32 11.77 -11.32 -13.68
N LEU A 33 10.80 -11.44 -14.58
CA LEU A 33 10.82 -12.50 -15.58
C LEU A 33 11.42 -12.00 -16.90
N LYS A 34 12.30 -11.01 -16.80
CA LYS A 34 12.93 -10.44 -17.98
C LYS A 34 13.66 -11.52 -18.78
N ARG A 35 14.18 -11.13 -19.95
CA ARG A 35 14.88 -12.07 -20.81
C ARG A 35 16.35 -11.66 -20.97
N ALA A 36 16.80 -10.75 -20.11
CA ALA A 36 18.17 -10.27 -20.15
C ALA A 36 19.13 -11.32 -19.59
N MET A 37 18.71 -11.98 -18.51
CA MET A 37 19.53 -13.00 -17.88
C MET A 37 19.54 -14.28 -18.70
N ASN A 38 18.42 -14.55 -19.38
CA ASN A 38 18.31 -15.75 -20.20
C ASN A 38 19.28 -15.70 -21.38
N ARG A 39 19.29 -14.58 -22.08
CA ARG A 39 20.18 -14.39 -23.23
C ARG A 39 21.63 -14.70 -22.85
N LEU A 40 22.02 -14.29 -21.66
CA LEU A 40 23.39 -14.51 -21.18
C LEU A 40 23.51 -15.88 -20.52
N ILE A 1 -5.97 -5.89 26.03
CA ILE A 1 -6.60 -5.54 24.76
C ILE A 1 -5.88 -4.37 24.10
N ASP A 2 -5.25 -3.53 24.92
CA ASP A 2 -4.52 -2.37 24.43
C ASP A 2 -3.36 -2.80 23.53
N VAL A 3 -2.52 -3.70 24.05
CA VAL A 3 -1.38 -4.20 23.30
C VAL A 3 -1.82 -4.85 21.99
N LEU A 4 -2.98 -5.48 22.02
CA LEU A 4 -3.51 -6.14 20.82
C LEU A 4 -3.86 -5.13 19.75
N ARG A 5 -4.70 -4.15 20.10
CA ARG A 5 -5.10 -3.12 19.16
C ARG A 5 -3.90 -2.31 18.67
N ALA A 6 -2.88 -2.20 19.52
CA ALA A 6 -1.68 -1.46 19.17
C ALA A 6 -0.99 -2.07 17.95
N LYS A 7 -1.03 -3.39 17.86
CA LYS A 7 -0.41 -4.09 16.74
C LYS A 7 -1.21 -3.89 15.45
N ALA A 8 -2.51 -3.65 15.61
CA ALA A 8 -3.40 -3.43 14.46
C ALA A 8 -3.13 -2.08 13.83
N ALA A 9 -2.81 -1.09 14.65
CA ALA A 9 -2.53 0.26 14.16
C ALA A 9 -1.18 0.32 13.46
N LYS A 10 -0.16 -0.24 14.11
CA LYS A 10 1.18 -0.26 13.55
C LYS A 10 1.18 -0.81 12.13
N GLU A 11 0.46 -1.91 11.94
CA GLU A 11 0.36 -2.55 10.62
C GLU A 11 -0.31 -1.62 9.62
N ARG A 12 -1.23 -0.79 10.10
CA ARG A 12 -1.95 0.14 9.25
C ARG A 12 -1.01 1.22 8.70
N ALA A 13 -0.24 1.83 9.60
CA ALA A 13 0.70 2.88 9.21
C ALA A 13 1.68 2.37 8.17
N GLU A 14 2.01 1.08 8.24
CA GLU A 14 2.94 0.47 7.30
C GLU A 14 2.39 0.54 5.87
N ARG A 15 1.07 0.46 5.75
CA ARG A 15 0.42 0.50 4.45
C ARG A 15 0.45 1.92 3.87
N ARG A 16 -0.02 2.88 4.64
CA ARG A 16 -0.05 4.27 4.21
C ARG A 16 1.36 4.75 3.84
N LEU A 17 2.33 4.43 4.70
CA LEU A 17 3.71 4.83 4.46
C LEU A 17 4.22 4.26 3.14
N GLN A 18 3.72 3.09 2.77
CA GLN A 18 4.13 2.44 1.52
C GLN A 18 3.49 3.13 0.32
N SER A 19 2.32 3.72 0.53
CA SER A 19 1.61 4.42 -0.54
C SER A 19 2.19 5.81 -0.75
N GLN A 20 2.76 6.38 0.30
CA GLN A 20 3.35 7.71 0.23
C GLN A 20 4.44 7.77 -0.85
N GLN A 21 5.47 6.95 -0.69
CA GLN A 21 6.57 6.90 -1.64
C GLN A 21 6.08 6.43 -3.00
N ASP A 22 5.09 5.55 -3.01
CA ASP A 22 4.54 5.01 -4.24
C ASP A 22 3.28 5.77 -4.65
N ASP A 23 3.31 7.09 -4.50
CA ASP A 23 2.17 7.93 -4.85
C ASP A 23 2.38 8.60 -6.19
N ILE A 24 3.60 9.08 -6.43
CA ILE A 24 3.92 9.74 -7.69
C ILE A 24 4.65 8.80 -8.63
N ASP A 25 4.30 7.53 -8.58
CA ASP A 25 4.92 6.52 -9.44
C ASP A 25 4.04 6.22 -10.65
N PHE A 26 2.74 6.08 -10.41
CA PHE A 26 1.80 5.79 -11.49
C PHE A 26 1.46 7.06 -12.27
N LYS A 27 1.55 8.20 -11.61
CA LYS A 27 1.26 9.48 -12.24
C LYS A 27 2.38 9.89 -13.18
N ARG A 28 3.59 9.41 -12.90
CA ARG A 28 4.74 9.72 -13.74
C ARG A 28 4.74 8.89 -15.02
N ALA A 29 4.40 7.61 -14.88
CA ALA A 29 4.35 6.71 -16.02
C ALA A 29 3.19 7.06 -16.95
N GLU A 30 2.10 7.54 -16.37
CA GLU A 30 0.92 7.91 -17.15
C GLU A 30 1.19 9.16 -17.98
N LEU A 31 2.11 9.99 -17.50
CA LEU A 31 2.47 11.22 -18.20
C LEU A 31 3.29 10.93 -19.44
N ALA A 32 4.11 9.89 -19.37
CA ALA A 32 4.97 9.51 -20.49
C ALA A 32 4.13 8.94 -21.63
N LEU A 33 3.08 8.20 -21.29
CA LEU A 33 2.20 7.61 -22.28
C LEU A 33 1.71 8.65 -23.27
N LYS A 34 1.07 9.70 -22.76
CA LYS A 34 0.56 10.77 -23.59
C LYS A 34 1.65 11.77 -23.94
N ARG A 35 1.59 12.31 -25.15
CA ARG A 35 2.59 13.28 -25.61
C ARG A 35 1.92 14.61 -25.97
N ALA A 36 0.68 14.77 -25.53
CA ALA A 36 -0.06 16.00 -25.80
C ALA A 36 0.38 17.13 -24.87
N MET A 37 0.47 16.82 -23.58
CA MET A 37 0.88 17.80 -22.59
C MET A 37 2.25 18.37 -22.92
N ASN A 38 3.17 17.49 -23.33
CA ASN A 38 4.52 17.90 -23.67
C ASN A 38 4.50 18.91 -24.82
N ARG A 39 3.74 18.59 -25.86
CA ARG A 39 3.64 19.47 -27.02
C ARG A 39 3.01 20.81 -26.65
N LEU A 40 1.83 20.75 -26.06
CA LEU A 40 1.12 21.97 -25.64
C LEU A 40 1.52 22.37 -24.23
N ILE A 1 -8.07 -5.84 23.87
CA ILE A 1 -6.85 -5.53 24.60
C ILE A 1 -6.07 -4.41 23.92
N ASP A 2 -5.63 -3.44 24.72
CA ASP A 2 -4.87 -2.31 24.19
C ASP A 2 -3.62 -2.78 23.46
N VAL A 3 -3.05 -3.88 23.94
CA VAL A 3 -1.84 -4.45 23.33
C VAL A 3 -2.08 -4.81 21.87
N LEU A 4 -3.17 -5.52 21.60
CA LEU A 4 -3.51 -5.92 20.25
C LEU A 4 -3.82 -4.72 19.38
N ARG A 5 -4.62 -3.79 19.92
CA ARG A 5 -4.99 -2.59 19.18
C ARG A 5 -3.75 -1.84 18.71
N ALA A 6 -2.71 -1.82 19.53
CA ALA A 6 -1.46 -1.15 19.20
C ALA A 6 -0.73 -1.88 18.09
N LYS A 7 -0.83 -3.21 18.09
CA LYS A 7 -0.17 -4.03 17.08
C LYS A 7 -0.88 -3.92 15.74
N ALA A 8 -2.20 -3.76 15.78
CA ALA A 8 -3.00 -3.65 14.57
C ALA A 8 -2.79 -2.28 13.91
N ALA A 9 -2.74 -1.23 14.73
CA ALA A 9 -2.55 0.12 14.24
C ALA A 9 -1.22 0.25 13.50
N LYS A 10 -0.22 -0.53 13.94
CA LYS A 10 1.10 -0.50 13.32
C LYS A 10 1.05 -1.09 11.92
N GLU A 11 0.41 -2.25 11.78
CA GLU A 11 0.31 -2.91 10.48
C GLU A 11 -0.28 -1.96 9.44
N ARG A 12 -1.24 -1.15 9.85
CA ARG A 12 -1.88 -0.20 8.95
C ARG A 12 -1.04 1.06 8.80
N ALA A 13 -0.26 1.37 9.83
CA ALA A 13 0.60 2.54 9.82
C ALA A 13 1.59 2.49 8.66
N GLU A 14 2.00 1.28 8.30
CA GLU A 14 2.95 1.09 7.20
C GLU A 14 2.24 1.19 5.85
N ARG A 15 1.06 0.55 5.76
CA ARG A 15 0.30 0.56 4.53
C ARG A 15 -0.15 1.97 4.17
N ARG A 16 -0.35 2.80 5.19
CA ARG A 16 -0.78 4.18 4.97
C ARG A 16 0.39 5.04 4.53
N LEU A 17 1.59 4.69 4.97
CA LEU A 17 2.79 5.43 4.61
C LEU A 17 3.13 5.25 3.13
N GLN A 18 2.99 4.03 2.65
CA GLN A 18 3.27 3.73 1.24
C GLN A 18 2.05 4.00 0.37
N SER A 19 1.53 5.22 0.45
CA SER A 19 0.37 5.61 -0.33
C SER A 19 0.75 5.92 -1.77
N GLN A 20 1.93 6.52 -1.94
CA GLN A 20 2.42 6.86 -3.27
C GLN A 20 2.47 5.63 -4.17
N GLN A 21 2.81 4.49 -3.58
CA GLN A 21 2.90 3.24 -4.34
C GLN A 21 1.59 2.95 -5.06
N ASP A 22 0.48 3.20 -4.38
CA ASP A 22 -0.84 2.96 -4.96
C ASP A 22 -1.44 4.25 -5.51
N ASP A 23 -0.60 5.06 -6.14
CA ASP A 23 -1.04 6.34 -6.71
C ASP A 23 -1.76 6.11 -8.04
N ILE A 24 -1.23 5.19 -8.84
CA ILE A 24 -1.82 4.88 -10.14
C ILE A 24 -2.61 3.58 -10.10
N ASP A 25 -3.34 3.37 -9.00
CA ASP A 25 -4.14 2.17 -8.83
C ASP A 25 -5.54 2.37 -9.40
N PHE A 26 -6.16 3.50 -9.06
CA PHE A 26 -7.50 3.81 -9.53
C PHE A 26 -7.45 4.49 -10.90
N LYS A 27 -6.36 5.21 -11.16
CA LYS A 27 -6.19 5.92 -12.43
C LYS A 27 -6.08 4.93 -13.58
N ARG A 28 -5.25 3.90 -13.41
CA ARG A 28 -5.05 2.89 -14.44
C ARG A 28 -6.30 2.04 -14.60
N ALA A 29 -7.08 1.94 -13.53
CA ALA A 29 -8.31 1.15 -13.55
C ALA A 29 -9.29 1.68 -14.59
N GLU A 30 -9.42 3.01 -14.65
CA GLU A 30 -10.32 3.65 -15.60
C GLU A 30 -9.74 3.61 -17.01
N LEU A 31 -8.42 3.68 -17.10
CA LEU A 31 -7.74 3.66 -18.39
C LEU A 31 -8.05 2.37 -19.16
N ALA A 32 -8.24 1.28 -18.41
CA ALA A 32 -8.55 -0.01 -19.02
C ALA A 32 -9.83 0.07 -19.83
N LEU A 33 -10.78 0.87 -19.36
CA LEU A 33 -12.06 1.03 -20.05
C LEU A 33 -11.89 1.82 -21.34
N LYS A 34 -11.45 3.06 -21.21
CA LYS A 34 -11.24 3.93 -22.37
C LYS A 34 -10.08 3.42 -23.22
N ARG A 35 -10.36 3.17 -24.49
CA ARG A 35 -9.34 2.67 -25.41
C ARG A 35 -9.02 3.73 -26.48
N ALA A 36 -9.45 4.96 -26.24
CA ALA A 36 -9.21 6.05 -27.16
C ALA A 36 -7.72 6.25 -27.40
N MET A 37 -6.97 6.41 -26.33
CA MET A 37 -5.52 6.61 -26.42
C MET A 37 -4.86 5.44 -27.13
N ASN A 38 -5.41 4.24 -26.91
CA ASN A 38 -4.87 3.03 -27.53
C ASN A 38 -5.14 3.01 -29.03
N ARG A 39 -6.34 3.44 -29.41
CA ARG A 39 -6.72 3.47 -30.82
C ARG A 39 -5.70 4.24 -31.64
N LEU A 40 -5.33 5.43 -31.16
CA LEU A 40 -4.35 6.27 -31.84
C LEU A 40 -3.00 6.21 -31.14
N ILE A 1 -6.07 -6.70 26.01
CA ILE A 1 -6.61 -6.48 24.68
C ILE A 1 -6.08 -5.18 24.08
N ASP A 2 -5.73 -4.24 24.94
CA ASP A 2 -5.21 -2.95 24.49
C ASP A 2 -3.96 -3.14 23.64
N VAL A 3 -3.00 -3.91 24.14
CA VAL A 3 -1.77 -4.18 23.43
C VAL A 3 -2.05 -4.78 22.05
N LEU A 4 -3.05 -5.65 21.99
CA LEU A 4 -3.41 -6.29 20.74
C LEU A 4 -3.94 -5.27 19.72
N ARG A 5 -4.51 -4.18 20.23
CA ARG A 5 -5.05 -3.14 19.38
C ARG A 5 -3.92 -2.32 18.74
N ALA A 6 -2.96 -1.91 19.57
CA ALA A 6 -1.82 -1.13 19.09
C ALA A 6 -1.07 -1.87 17.99
N LYS A 7 -1.15 -3.20 18.02
CA LYS A 7 -0.48 -4.02 17.03
C LYS A 7 -1.09 -3.83 15.64
N ALA A 8 -2.40 -3.57 15.61
CA ALA A 8 -3.10 -3.36 14.35
C ALA A 8 -2.76 -2.00 13.76
N ALA A 9 -2.54 -1.01 14.62
CA ALA A 9 -2.20 0.33 14.17
C ALA A 9 -0.85 0.35 13.45
N LYS A 10 0.10 -0.41 13.98
CA LYS A 10 1.44 -0.47 13.39
C LYS A 10 1.38 -1.08 11.98
N GLU A 11 0.47 -2.02 11.79
CA GLU A 11 0.31 -2.68 10.50
C GLU A 11 -0.35 -1.74 9.49
N ARG A 12 -1.34 -0.99 9.96
CA ARG A 12 -2.06 -0.04 9.11
C ARG A 12 -1.17 1.13 8.72
N ALA A 13 -0.28 1.51 9.63
CA ALA A 13 0.63 2.62 9.39
C ALA A 13 1.51 2.36 8.18
N GLU A 14 2.18 1.20 8.18
CA GLU A 14 3.06 0.82 7.08
C GLU A 14 2.33 0.92 5.74
N ARG A 15 1.04 0.57 5.74
CA ARG A 15 0.24 0.61 4.53
C ARG A 15 0.01 2.06 4.09
N ARG A 16 -0.36 2.89 5.05
CA ARG A 16 -0.63 4.30 4.76
C ARG A 16 0.60 4.98 4.16
N LEU A 17 1.76 4.73 4.76
CA LEU A 17 3.01 5.30 4.28
C LEU A 17 3.30 4.88 2.85
N GLN A 18 3.04 3.60 2.55
CA GLN A 18 3.27 3.07 1.23
C GLN A 18 2.09 3.37 0.31
N SER A 19 1.77 4.65 0.18
CA SER A 19 0.65 5.07 -0.67
C SER A 19 0.96 4.83 -2.14
N GLN A 20 2.24 4.98 -2.50
CA GLN A 20 2.67 4.77 -3.88
C GLN A 20 2.41 3.34 -4.33
N GLN A 21 2.37 2.42 -3.37
CA GLN A 21 2.13 1.01 -3.66
C GLN A 21 0.85 0.85 -4.49
N ASP A 22 -0.09 1.76 -4.30
CA ASP A 22 -1.36 1.72 -5.03
C ASP A 22 -1.30 2.57 -6.28
N ASP A 23 -0.17 2.51 -6.98
CA ASP A 23 0.01 3.29 -8.20
C ASP A 23 -0.78 2.68 -9.36
N ILE A 24 -0.85 1.35 -9.38
CA ILE A 24 -1.57 0.65 -10.44
C ILE A 24 -3.05 1.03 -10.44
N ASP A 25 -3.55 1.42 -9.28
CA ASP A 25 -4.95 1.82 -9.14
C ASP A 25 -5.21 3.13 -9.89
N PHE A 26 -4.21 3.99 -9.93
CA PHE A 26 -4.33 5.28 -10.62
C PHE A 26 -4.21 5.10 -12.12
N LYS A 27 -3.21 4.36 -12.55
CA LYS A 27 -2.97 4.11 -13.97
C LYS A 27 -4.21 3.50 -14.62
N ARG A 28 -4.94 2.69 -13.85
CA ARG A 28 -6.14 2.04 -14.36
C ARG A 28 -7.30 3.02 -14.42
N ALA A 29 -7.36 3.93 -13.45
CA ALA A 29 -8.42 4.93 -13.39
C ALA A 29 -8.35 5.87 -14.60
N GLU A 30 -7.13 6.31 -14.93
CA GLU A 30 -6.93 7.22 -16.05
C GLU A 30 -7.38 6.56 -17.36
N LEU A 31 -7.29 5.24 -17.42
CA LEU A 31 -7.68 4.50 -18.61
C LEU A 31 -9.13 4.77 -18.96
N ALA A 32 -10.00 4.68 -17.97
CA ALA A 32 -11.43 4.93 -18.19
C ALA A 32 -11.71 6.41 -18.38
N LEU A 33 -10.85 7.25 -17.82
CA LEU A 33 -11.01 8.70 -17.92
C LEU A 33 -10.06 9.26 -18.98
N LYS A 34 -9.89 8.53 -20.08
CA LYS A 34 -9.02 8.95 -21.16
C LYS A 34 -9.84 9.39 -22.37
N ARG A 35 -9.67 10.64 -22.78
CA ARG A 35 -10.39 11.18 -23.93
C ARG A 35 -9.45 11.36 -25.12
N ALA A 36 -8.27 10.76 -25.04
CA ALA A 36 -7.29 10.86 -26.11
C ALA A 36 -7.85 10.30 -27.41
N MET A 37 -8.68 9.27 -27.31
CA MET A 37 -9.29 8.65 -28.48
C MET A 37 -10.29 9.59 -29.14
N ASN A 38 -10.94 10.41 -28.31
CA ASN A 38 -11.94 11.36 -28.82
C ASN A 38 -11.27 12.44 -29.66
N ARG A 39 -10.04 12.77 -29.32
CA ARG A 39 -9.30 13.80 -30.05
C ARG A 39 -9.09 13.40 -31.51
N LEU A 40 -9.08 12.10 -31.76
CA LEU A 40 -8.89 11.57 -33.11
C LEU A 40 -9.82 10.40 -33.37
N ILE A 1 -9.09 -7.06 23.20
CA ILE A 1 -7.71 -6.94 23.64
C ILE A 1 -7.09 -5.62 23.18
N ASP A 2 -6.90 -4.71 24.11
CA ASP A 2 -6.32 -3.40 23.80
C ASP A 2 -4.84 -3.54 23.46
N VAL A 3 -4.20 -4.58 24.00
CA VAL A 3 -2.79 -4.82 23.75
C VAL A 3 -2.53 -5.10 22.28
N LEU A 4 -3.43 -5.85 21.66
CA LEU A 4 -3.29 -6.19 20.25
C LEU A 4 -3.66 -5.01 19.36
N ARG A 5 -4.52 -4.13 19.88
CA ARG A 5 -4.94 -2.94 19.13
C ARG A 5 -3.75 -2.09 18.74
N ALA A 6 -2.72 -2.09 19.58
CA ALA A 6 -1.52 -1.31 19.32
C ALA A 6 -0.79 -1.84 18.08
N LYS A 7 -0.64 -3.16 18.00
CA LYS A 7 0.04 -3.78 16.88
C LYS A 7 -0.68 -3.49 15.57
N ALA A 8 -2.01 -3.43 15.63
CA ALA A 8 -2.83 -3.15 14.45
C ALA A 8 -2.55 -1.74 13.92
N ALA A 9 -2.24 -0.82 14.82
CA ALA A 9 -1.96 0.55 14.45
C ALA A 9 -0.63 0.66 13.69
N LYS A 10 0.32 -0.20 14.08
CA LYS A 10 1.63 -0.20 13.43
C LYS A 10 1.54 -0.74 12.01
N GLU A 11 0.74 -1.80 11.83
CA GLU A 11 0.57 -2.42 10.52
C GLU A 11 -0.19 -1.48 9.58
N ARG A 12 -1.35 -1.00 10.03
CA ARG A 12 -2.17 -0.10 9.23
C ARG A 12 -1.35 1.10 8.75
N ALA A 13 -0.42 1.56 9.59
CA ALA A 13 0.42 2.69 9.27
C ALA A 13 1.28 2.40 8.04
N GLU A 14 1.98 1.26 8.07
CA GLU A 14 2.84 0.86 6.96
C GLU A 14 2.02 0.59 5.70
N ARG A 15 0.78 0.17 5.90
CA ARG A 15 -0.11 -0.13 4.77
C ARG A 15 -0.48 1.16 4.03
N ARG A 16 -0.52 2.27 4.75
CA ARG A 16 -0.86 3.55 4.15
C ARG A 16 0.39 4.29 3.69
N LEU A 17 1.50 4.04 4.38
CA LEU A 17 2.77 4.68 4.05
C LEU A 17 3.25 4.23 2.67
N GLN A 18 2.95 2.99 2.31
CA GLN A 18 3.35 2.44 1.02
C GLN A 18 2.45 2.95 -0.09
N SER A 19 1.18 3.18 0.23
CA SER A 19 0.21 3.66 -0.75
C SER A 19 0.66 4.99 -1.35
N GLN A 20 1.33 5.80 -0.53
CA GLN A 20 1.81 7.10 -0.99
C GLN A 20 3.17 6.96 -1.67
N GLN A 21 3.93 5.95 -1.28
CA GLN A 21 5.25 5.71 -1.84
C GLN A 21 5.15 5.42 -3.34
N ASP A 22 4.01 4.88 -3.76
CA ASP A 22 3.78 4.57 -5.16
C ASP A 22 3.71 5.83 -6.01
N ASP A 23 3.05 6.85 -5.49
CA ASP A 23 2.90 8.11 -6.19
C ASP A 23 4.27 8.72 -6.49
N ILE A 24 5.18 8.64 -5.53
CA ILE A 24 6.52 9.18 -5.69
C ILE A 24 7.54 8.07 -5.93
N ASP A 25 7.16 7.10 -6.75
CA ASP A 25 8.04 5.98 -7.07
C ASP A 25 9.22 6.44 -7.92
N PHE A 26 9.01 7.48 -8.72
CA PHE A 26 10.05 8.01 -9.58
C PHE A 26 11.31 8.34 -8.77
N LYS A 27 11.16 9.22 -7.80
CA LYS A 27 12.29 9.61 -6.95
C LYS A 27 12.77 8.44 -6.11
N ARG A 28 11.84 7.61 -5.66
CA ARG A 28 12.17 6.45 -4.84
C ARG A 28 13.18 5.55 -5.56
N ALA A 29 13.11 5.55 -6.88
CA ALA A 29 14.02 4.74 -7.69
C ALA A 29 15.43 5.31 -7.67
N GLU A 30 15.54 6.63 -7.79
CA GLU A 30 16.84 7.30 -7.80
C GLU A 30 17.57 7.05 -6.48
N LEU A 31 16.88 7.27 -5.37
CA LEU A 31 17.46 7.08 -4.05
C LEU A 31 17.76 5.60 -3.80
N ALA A 32 16.93 4.74 -4.38
CA ALA A 32 17.11 3.29 -4.23
C ALA A 32 18.47 2.85 -4.74
N LEU A 33 18.88 3.38 -5.89
CA LEU A 33 20.17 3.03 -6.48
C LEU A 33 21.31 3.53 -5.61
N LYS A 34 21.19 4.74 -5.11
CA LYS A 34 22.22 5.33 -4.25
C LYS A 34 22.56 4.40 -3.09
N ARG A 35 23.83 4.01 -3.01
CA ARG A 35 24.29 3.12 -1.96
C ARG A 35 25.42 3.76 -1.15
N ALA A 36 25.59 5.07 -1.33
CA ALA A 36 26.63 5.80 -0.62
C ALA A 36 26.13 6.30 0.72
N MET A 37 24.84 6.61 0.79
CA MET A 37 24.24 7.10 2.03
C MET A 37 24.49 6.13 3.18
N ASN A 38 24.58 4.85 2.86
CA ASN A 38 24.83 3.83 3.87
C ASN A 38 26.20 4.02 4.53
N ARG A 39 27.22 4.16 3.70
CA ARG A 39 28.59 4.35 4.19
C ARG A 39 28.68 5.63 5.02
N LEU A 40 27.83 6.60 4.70
CA LEU A 40 27.82 7.87 5.40
C LEU A 40 26.93 7.82 6.64
N ILE A 1 -6.49 -7.04 24.99
CA ILE A 1 -6.97 -6.44 23.75
C ILE A 1 -6.18 -5.19 23.42
N ASP A 2 -5.62 -4.54 24.44
CA ASP A 2 -4.83 -3.33 24.25
C ASP A 2 -3.67 -3.59 23.30
N VAL A 3 -2.88 -4.61 23.61
CA VAL A 3 -1.72 -4.95 22.79
C VAL A 3 -2.12 -5.18 21.34
N LEU A 4 -3.29 -5.78 21.15
CA LEU A 4 -3.80 -6.07 19.80
C LEU A 4 -4.03 -4.77 19.03
N ARG A 5 -4.80 -3.86 19.62
CA ARG A 5 -5.09 -2.58 18.99
C ARG A 5 -3.81 -1.83 18.66
N ALA A 6 -2.88 -1.80 19.62
CA ALA A 6 -1.61 -1.11 19.44
C ALA A 6 -0.82 -1.72 18.29
N LYS A 7 -0.79 -3.05 18.24
CA LYS A 7 -0.07 -3.75 17.18
C LYS A 7 -0.74 -3.54 15.82
N ALA A 8 -2.07 -3.49 15.83
CA ALA A 8 -2.83 -3.29 14.60
C ALA A 8 -2.58 -1.89 14.03
N ALA A 9 -2.41 -0.92 14.91
CA ALA A 9 -2.15 0.46 14.49
C ALA A 9 -0.84 0.57 13.73
N LYS A 10 0.16 -0.19 14.17
CA LYS A 10 1.47 -0.17 13.54
C LYS A 10 1.40 -0.77 12.14
N GLU A 11 0.71 -1.89 12.00
CA GLU A 11 0.56 -2.56 10.71
C GLU A 11 -0.25 -1.69 9.74
N ARG A 12 -1.31 -1.08 10.25
CA ARG A 12 -2.15 -0.23 9.42
C ARG A 12 -1.35 0.91 8.80
N ALA A 13 -0.68 1.68 9.64
CA ALA A 13 0.13 2.80 9.19
C ALA A 13 1.17 2.35 8.16
N GLU A 14 1.70 1.13 8.36
CA GLU A 14 2.69 0.58 7.46
C GLU A 14 2.16 0.51 6.03
N ARG A 15 0.94 0.02 5.88
CA ARG A 15 0.32 -0.10 4.57
C ARG A 15 0.02 1.27 3.99
N ARG A 16 -0.26 2.24 4.85
CA ARG A 16 -0.57 3.60 4.42
C ARG A 16 0.60 4.18 3.62
N LEU A 17 1.80 3.74 3.94
CA LEU A 17 3.00 4.23 3.25
C LEU A 17 3.31 3.37 2.03
N GLN A 18 3.45 2.06 2.26
CA GLN A 18 3.76 1.13 1.18
C GLN A 18 2.47 0.61 0.53
N SER A 19 1.59 1.53 0.16
CA SER A 19 0.32 1.16 -0.46
C SER A 19 0.53 0.79 -1.93
N GLN A 20 1.53 1.38 -2.55
CA GLN A 20 1.84 1.10 -3.95
C GLN A 20 2.01 -0.39 -4.19
N GLN A 21 2.49 -1.10 -3.17
CA GLN A 21 2.70 -2.53 -3.27
C GLN A 21 1.37 -3.28 -3.28
N ASP A 22 0.48 -2.90 -2.38
CA ASP A 22 -0.83 -3.53 -2.29
C ASP A 22 -1.55 -3.49 -3.64
N ASP A 23 -1.28 -2.45 -4.42
CA ASP A 23 -1.89 -2.29 -5.73
C ASP A 23 -1.63 -3.52 -6.60
N ILE A 24 -0.39 -3.97 -6.63
CA ILE A 24 -0.01 -5.13 -7.42
C ILE A 24 0.31 -6.33 -6.52
N ASP A 25 -0.54 -6.55 -5.53
CA ASP A 25 -0.36 -7.67 -4.61
C ASP A 25 -0.67 -8.99 -5.29
N PHE A 26 -1.82 -9.06 -5.95
CA PHE A 26 -2.24 -10.26 -6.64
C PHE A 26 -1.17 -10.73 -7.63
N LYS A 27 -0.41 -9.77 -8.16
CA LYS A 27 0.64 -10.07 -9.11
C LYS A 27 1.73 -10.94 -8.48
N ARG A 28 2.15 -10.55 -7.27
CA ARG A 28 3.17 -11.29 -6.55
C ARG A 28 2.67 -12.68 -6.16
N ALA A 29 1.39 -12.77 -5.83
CA ALA A 29 0.79 -14.04 -5.43
C ALA A 29 0.69 -14.99 -6.61
N GLU A 30 0.56 -14.42 -7.82
CA GLU A 30 0.46 -15.22 -9.03
C GLU A 30 1.78 -15.92 -9.34
N LEU A 31 2.88 -15.22 -9.11
CA LEU A 31 4.20 -15.78 -9.37
C LEU A 31 4.56 -16.83 -8.32
N ALA A 32 4.05 -16.65 -7.10
CA ALA A 32 4.31 -17.60 -6.02
C ALA A 32 3.48 -18.87 -6.19
N LEU A 33 2.26 -18.72 -6.70
CA LEU A 33 1.38 -19.85 -6.91
C LEU A 33 2.04 -20.91 -7.79
N LYS A 34 2.82 -20.46 -8.76
CA LYS A 34 3.51 -21.37 -9.66
C LYS A 34 4.93 -20.89 -9.92
N ARG A 35 5.91 -21.76 -9.64
CA ARG A 35 7.31 -21.44 -9.85
C ARG A 35 7.79 -21.90 -11.23
N ALA A 36 6.84 -22.24 -12.08
CA ALA A 36 7.16 -22.70 -13.43
C ALA A 36 7.12 -21.56 -14.43
N MET A 37 6.28 -20.57 -14.16
CA MET A 37 6.15 -19.41 -15.03
C MET A 37 7.46 -18.64 -15.12
N ASN A 38 8.18 -18.59 -14.00
CA ASN A 38 9.46 -17.88 -13.95
C ASN A 38 10.45 -18.48 -14.95
N ARG A 39 10.35 -19.78 -15.16
CA ARG A 39 11.25 -20.47 -16.10
C ARG A 39 10.74 -20.35 -17.53
N LEU A 40 9.42 -20.18 -17.67
CA LEU A 40 8.81 -20.05 -18.99
C LEU A 40 8.59 -18.58 -19.35
N ILE A 1 -7.78 -7.85 24.33
CA ILE A 1 -7.03 -7.51 23.12
C ILE A 1 -6.55 -6.06 23.18
N ASP A 2 -6.05 -5.65 24.33
CA ASP A 2 -5.55 -4.29 24.51
C ASP A 2 -4.26 -4.08 23.73
N VAL A 3 -3.31 -4.99 23.92
CA VAL A 3 -2.02 -4.92 23.24
C VAL A 3 -2.18 -5.16 21.75
N LEU A 4 -3.12 -6.02 21.38
CA LEU A 4 -3.37 -6.35 19.99
C LEU A 4 -3.82 -5.11 19.22
N ARG A 5 -4.69 -4.31 19.83
CA ARG A 5 -5.20 -3.10 19.19
C ARG A 5 -4.05 -2.18 18.78
N ALA A 6 -3.20 -1.84 19.75
CA ALA A 6 -2.06 -0.97 19.49
C ALA A 6 -1.17 -1.55 18.39
N LYS A 7 -1.01 -2.86 18.39
CA LYS A 7 -0.19 -3.54 17.40
C LYS A 7 -0.75 -3.33 15.99
N ALA A 8 -2.06 -3.48 15.86
CA ALA A 8 -2.73 -3.31 14.58
C ALA A 8 -2.52 -1.90 14.03
N ALA A 9 -2.35 -0.94 14.94
CA ALA A 9 -2.13 0.45 14.55
C ALA A 9 -0.87 0.59 13.70
N LYS A 10 0.19 -0.08 14.11
CA LYS A 10 1.46 -0.03 13.40
C LYS A 10 1.31 -0.58 11.99
N GLU A 11 0.62 -1.71 11.86
CA GLU A 11 0.40 -2.34 10.56
C GLU A 11 -0.31 -1.38 9.61
N ARG A 12 -1.28 -0.64 10.15
CA ARG A 12 -2.03 0.31 9.34
C ARG A 12 -1.13 1.40 8.78
N ALA A 13 -0.05 1.69 9.50
CA ALA A 13 0.91 2.69 9.07
C ALA A 13 1.62 2.28 7.79
N GLU A 14 2.28 1.13 7.84
CA GLU A 14 3.01 0.62 6.68
C GLU A 14 2.07 0.40 5.50
N ARG A 15 0.87 -0.10 5.79
CA ARG A 15 -0.12 -0.35 4.75
C ARG A 15 -0.62 0.95 4.15
N ARG A 16 -0.76 1.97 4.99
CA ARG A 16 -1.22 3.28 4.52
C ARG A 16 -0.41 3.76 3.33
N LEU A 17 0.89 3.48 3.36
CA LEU A 17 1.78 3.89 2.28
C LEU A 17 1.75 2.89 1.14
N GLN A 18 1.47 1.63 1.47
CA GLN A 18 1.40 0.58 0.47
C GLN A 18 0.16 0.72 -0.41
N SER A 19 -0.88 1.34 0.16
CA SER A 19 -2.13 1.54 -0.56
C SER A 19 -1.89 2.24 -1.88
N GLN A 20 -0.92 3.14 -1.89
CA GLN A 20 -0.59 3.89 -3.10
C GLN A 20 -0.30 2.96 -4.27
N GLN A 21 0.58 1.98 -4.04
CA GLN A 21 0.94 1.02 -5.07
C GLN A 21 -0.23 0.11 -5.40
N ASP A 22 -1.10 -0.09 -4.42
CA ASP A 22 -2.28 -0.94 -4.60
C ASP A 22 -3.54 -0.10 -4.81
N ASP A 23 -3.37 1.06 -5.43
CA ASP A 23 -4.48 1.95 -5.70
C ASP A 23 -5.59 1.23 -6.46
N ILE A 24 -5.28 0.80 -7.68
CA ILE A 24 -6.24 0.10 -8.52
C ILE A 24 -6.04 -1.41 -8.45
N ASP A 25 -5.61 -1.89 -7.28
CA ASP A 25 -5.37 -3.32 -7.08
C ASP A 25 -6.59 -3.98 -6.45
N PHE A 26 -7.32 -3.23 -5.64
CA PHE A 26 -8.51 -3.74 -4.96
C PHE A 26 -9.74 -3.59 -5.85
N LYS A 27 -9.81 -2.47 -6.57
CA LYS A 27 -10.93 -2.20 -7.45
C LYS A 27 -10.98 -3.21 -8.60
N ARG A 28 -9.82 -3.75 -8.96
CA ARG A 28 -9.74 -4.72 -10.04
C ARG A 28 -9.88 -6.15 -9.50
N ALA A 29 -9.46 -6.35 -8.25
CA ALA A 29 -9.54 -7.66 -7.62
C ALA A 29 -10.99 -8.10 -7.48
N GLU A 30 -11.87 -7.18 -7.11
CA GLU A 30 -13.28 -7.49 -6.94
C GLU A 30 -13.92 -7.87 -8.27
N LEU A 31 -13.46 -7.23 -9.35
CA LEU A 31 -13.98 -7.51 -10.69
C LEU A 31 -13.85 -8.99 -11.02
N ALA A 32 -12.89 -9.65 -10.41
CA ALA A 32 -12.66 -11.08 -10.64
C ALA A 32 -13.53 -11.92 -9.72
N LEU A 33 -13.54 -11.58 -8.44
CA LEU A 33 -14.32 -12.31 -7.45
C LEU A 33 -15.80 -12.36 -7.86
N LYS A 34 -16.44 -11.20 -7.88
CA LYS A 34 -17.85 -11.12 -8.26
C LYS A 34 -18.08 -9.97 -9.23
N ARG A 35 -19.05 -10.13 -10.12
CA ARG A 35 -19.38 -9.11 -11.11
C ARG A 35 -20.74 -8.50 -10.83
N ALA A 36 -21.26 -8.74 -9.62
CA ALA A 36 -22.55 -8.21 -9.23
C ALA A 36 -22.56 -6.68 -9.28
N MET A 37 -21.40 -6.09 -9.05
CA MET A 37 -21.27 -4.64 -9.07
C MET A 37 -21.45 -4.09 -10.48
N ASN A 38 -20.90 -4.80 -11.46
CA ASN A 38 -21.02 -4.38 -12.86
C ASN A 38 -22.42 -4.65 -13.39
N ARG A 39 -23.01 -5.77 -12.97
CA ARG A 39 -24.35 -6.14 -13.42
C ARG A 39 -25.36 -5.08 -13.02
N LEU A 40 -25.36 -4.69 -11.76
CA LEU A 40 -26.28 -3.68 -11.25
C LEU A 40 -25.77 -3.07 -9.95
N ILE A 1 -8.41 -5.85 22.91
CA ILE A 1 -7.45 -5.46 23.94
C ILE A 1 -6.58 -4.30 23.45
N ASP A 2 -6.15 -3.46 24.39
CA ASP A 2 -5.31 -2.31 24.07
C ASP A 2 -4.05 -2.75 23.35
N VAL A 3 -3.33 -3.70 23.93
CA VAL A 3 -2.09 -4.20 23.35
C VAL A 3 -2.35 -4.85 22.00
N LEU A 4 -3.52 -5.47 21.85
CA LEU A 4 -3.88 -6.13 20.61
C LEU A 4 -4.07 -5.11 19.49
N ARG A 5 -4.80 -4.03 19.80
CA ARG A 5 -5.04 -2.98 18.82
C ARG A 5 -3.77 -2.21 18.50
N ALA A 6 -2.88 -2.12 19.49
CA ALA A 6 -1.61 -1.42 19.32
C ALA A 6 -0.82 -1.98 18.13
N LYS A 7 -0.82 -3.31 18.01
CA LYS A 7 -0.10 -3.97 16.93
C LYS A 7 -0.77 -3.70 15.59
N ALA A 8 -2.09 -3.58 15.61
CA ALA A 8 -2.86 -3.31 14.39
C ALA A 8 -2.51 -1.95 13.82
N ALA A 9 -2.20 -1.00 14.69
CA ALA A 9 -1.85 0.35 14.27
C ALA A 9 -0.50 0.38 13.59
N LYS A 10 0.39 -0.54 13.99
CA LYS A 10 1.73 -0.62 13.40
C LYS A 10 1.66 -1.12 11.97
N GLU A 11 0.76 -2.06 11.72
CA GLU A 11 0.60 -2.64 10.39
C GLU A 11 -0.22 -1.70 9.49
N ARG A 12 -1.25 -1.10 10.06
CA ARG A 12 -2.11 -0.19 9.32
C ARG A 12 -1.33 1.06 8.88
N ALA A 13 -0.49 1.56 9.77
CA ALA A 13 0.32 2.74 9.48
C ALA A 13 1.13 2.55 8.21
N GLU A 14 2.01 1.55 8.23
CA GLU A 14 2.86 1.26 7.08
C GLU A 14 2.02 1.03 5.83
N ARG A 15 0.86 0.40 6.02
CA ARG A 15 -0.04 0.12 4.90
C ARG A 15 -0.60 1.40 4.29
N ARG A 16 -0.88 2.38 5.15
CA ARG A 16 -1.42 3.65 4.70
C ARG A 16 -0.49 4.31 3.69
N LEU A 17 0.82 4.17 3.91
CA LEU A 17 1.81 4.75 3.02
C LEU A 17 1.80 4.04 1.66
N GLN A 18 1.68 2.72 1.69
CA GLN A 18 1.64 1.93 0.47
C GLN A 18 0.55 2.43 -0.48
N SER A 19 -0.61 2.73 0.08
CA SER A 19 -1.74 3.21 -0.72
C SER A 19 -1.35 4.45 -1.50
N GLN A 20 -0.49 5.27 -0.91
CA GLN A 20 -0.04 6.50 -1.55
C GLN A 20 0.92 6.20 -2.69
N GLN A 21 1.76 5.19 -2.49
CA GLN A 21 2.74 4.81 -3.51
C GLN A 21 2.03 4.32 -4.77
N ASP A 22 1.22 3.27 -4.63
CA ASP A 22 0.49 2.71 -5.77
C ASP A 22 -0.91 3.30 -5.85
N ASP A 23 -1.03 4.59 -5.56
CA ASP A 23 -2.32 5.27 -5.60
C ASP A 23 -2.88 5.28 -7.02
N ILE A 24 -1.99 5.36 -8.00
CA ILE A 24 -2.40 5.38 -9.40
C ILE A 24 -3.07 4.07 -9.81
N ASP A 25 -2.72 3.01 -9.11
CA ASP A 25 -3.30 1.69 -9.38
C ASP A 25 -4.79 1.68 -9.12
N PHE A 26 -5.22 2.52 -8.17
CA PHE A 26 -6.63 2.60 -7.81
C PHE A 26 -7.40 3.46 -8.82
N LYS A 27 -6.84 4.62 -9.15
CA LYS A 27 -7.46 5.54 -10.10
C LYS A 27 -7.55 4.90 -11.48
N ARG A 28 -6.51 4.16 -11.86
CA ARG A 28 -6.46 3.51 -13.16
C ARG A 28 -7.60 2.50 -13.30
N ALA A 29 -8.05 1.96 -12.17
CA ALA A 29 -9.13 0.99 -12.17
C ALA A 29 -10.48 1.66 -12.42
N GLU A 30 -10.56 2.93 -12.05
CA GLU A 30 -11.80 3.70 -12.23
C GLU A 30 -11.87 4.28 -13.65
N LEU A 31 -10.73 4.74 -14.15
CA LEU A 31 -10.66 5.32 -15.48
C LEU A 31 -11.19 4.35 -16.53
N ALA A 32 -10.81 3.08 -16.40
CA ALA A 32 -11.26 2.05 -17.33
C ALA A 32 -12.77 1.98 -17.39
N LEU A 33 -13.42 2.20 -16.25
CA LEU A 33 -14.88 2.17 -16.18
C LEU A 33 -15.46 3.58 -16.25
N LYS A 34 -14.94 4.39 -17.17
CA LYS A 34 -15.42 5.75 -17.35
C LYS A 34 -15.11 6.26 -18.75
N ARG A 35 -16.04 7.01 -19.33
CA ARG A 35 -15.87 7.56 -20.67
C ARG A 35 -16.10 9.07 -20.67
N ALA A 36 -16.13 9.66 -19.48
CA ALA A 36 -16.35 11.10 -19.35
C ALA A 36 -15.32 11.89 -20.15
N MET A 37 -14.12 11.32 -20.29
CA MET A 37 -13.05 11.98 -21.03
C MET A 37 -13.42 12.10 -22.51
N ASN A 38 -14.20 11.16 -23.00
CA ASN A 38 -14.62 11.17 -24.39
C ASN A 38 -15.35 12.46 -24.74
N ARG A 39 -16.24 12.88 -23.85
CA ARG A 39 -17.00 14.11 -24.06
C ARG A 39 -16.13 15.34 -23.86
N LEU A 40 -15.13 15.21 -22.99
CA LEU A 40 -14.22 16.31 -22.70
C LEU A 40 -12.77 15.85 -22.80
N ILE A 1 -3.76 -8.13 26.62
CA ILE A 1 -4.65 -8.32 25.48
C ILE A 1 -4.87 -7.02 24.72
N ASP A 2 -4.79 -5.91 25.44
CA ASP A 2 -4.98 -4.59 24.85
C ASP A 2 -3.81 -4.23 23.94
N VAL A 3 -2.64 -4.75 24.27
CA VAL A 3 -1.44 -4.49 23.48
C VAL A 3 -1.65 -4.87 22.02
N LEU A 4 -2.43 -5.91 21.78
CA LEU A 4 -2.71 -6.37 20.43
C LEU A 4 -3.34 -5.26 19.60
N ARG A 5 -4.17 -4.45 20.23
CA ARG A 5 -4.83 -3.34 19.55
C ARG A 5 -3.82 -2.44 18.86
N ALA A 6 -2.70 -2.19 19.54
CA ALA A 6 -1.66 -1.34 18.99
C ALA A 6 -1.09 -1.93 17.69
N LYS A 7 -1.17 -3.25 17.57
CA LYS A 7 -0.68 -3.94 16.39
C LYS A 7 -1.51 -3.58 15.16
N ALA A 8 -2.80 -3.36 15.37
CA ALA A 8 -3.71 -3.00 14.28
C ALA A 8 -3.43 -1.59 13.78
N ALA A 9 -3.10 -0.69 14.71
CA ALA A 9 -2.81 0.69 14.36
C ALA A 9 -1.44 0.82 13.71
N LYS A 10 -0.50 0.01 14.17
CA LYS A 10 0.85 0.04 13.63
C LYS A 10 0.90 -0.56 12.22
N GLU A 11 -0.04 -1.47 11.94
CA GLU A 11 -0.11 -2.12 10.64
C GLU A 11 -0.65 -1.16 9.59
N ARG A 12 -1.57 -0.29 10.01
CA ARG A 12 -2.17 0.68 9.09
C ARG A 12 -1.12 1.66 8.57
N ALA A 13 -0.13 1.95 9.42
CA ALA A 13 0.94 2.87 9.03
C ALA A 13 1.99 2.18 8.17
N GLU A 14 2.19 0.89 8.42
CA GLU A 14 3.17 0.11 7.67
C GLU A 14 2.73 -0.04 6.22
N ARG A 15 1.46 -0.37 6.02
CA ARG A 15 0.91 -0.55 4.68
C ARG A 15 0.70 0.79 3.99
N ARG A 16 0.49 1.84 4.78
CA ARG A 16 0.27 3.18 4.25
C ARG A 16 1.57 3.76 3.71
N LEU A 17 2.70 3.31 4.26
CA LEU A 17 4.01 3.78 3.83
C LEU A 17 4.33 3.29 2.42
N GLN A 18 4.15 2.00 2.19
CA GLN A 18 4.41 1.40 0.88
C GLN A 18 3.19 1.51 -0.02
N SER A 19 2.74 2.73 -0.27
CA SER A 19 1.57 2.98 -1.11
C SER A 19 1.77 2.35 -2.49
N GLN A 20 3.01 2.36 -2.97
CA GLN A 20 3.34 1.80 -4.27
C GLN A 20 2.92 0.33 -4.35
N GLN A 21 2.95 -0.36 -3.21
CA GLN A 21 2.57 -1.76 -3.16
C GLN A 21 1.06 -1.92 -3.18
N ASP A 22 0.36 -0.97 -2.55
CA ASP A 22 -1.10 -1.01 -2.49
C ASP A 22 -1.69 -0.89 -3.90
N ASP A 23 -1.09 -0.06 -4.73
CA ASP A 23 -1.56 0.14 -6.10
C ASP A 23 -1.55 -1.18 -6.87
N ILE A 24 -0.63 -2.07 -6.50
CA ILE A 24 -0.51 -3.37 -7.15
C ILE A 24 -1.46 -4.39 -6.53
N ASP A 25 -1.67 -4.29 -5.22
CA ASP A 25 -2.55 -5.20 -4.51
C ASP A 25 -3.96 -5.14 -5.10
N PHE A 26 -4.35 -3.97 -5.59
CA PHE A 26 -5.67 -3.78 -6.18
C PHE A 26 -5.90 -4.75 -7.33
N LYS A 27 -4.90 -4.88 -8.20
CA LYS A 27 -4.99 -5.77 -9.34
C LYS A 27 -5.17 -7.22 -8.89
N ARG A 28 -4.56 -7.57 -7.77
CA ARG A 28 -4.67 -8.92 -7.23
C ARG A 28 -6.12 -9.31 -6.99
N ALA A 29 -6.89 -8.37 -6.44
CA ALA A 29 -8.31 -8.61 -6.17
C ALA A 29 -9.11 -8.68 -7.46
N GLU A 30 -8.77 -7.83 -8.42
CA GLU A 30 -9.46 -7.80 -9.71
C GLU A 30 -9.33 -9.13 -10.43
N LEU A 31 -8.21 -9.81 -10.20
CA LEU A 31 -7.96 -11.10 -10.84
C LEU A 31 -8.70 -12.22 -10.11
N ALA A 32 -8.68 -12.17 -8.78
CA ALA A 32 -9.34 -13.18 -7.96
C ALA A 32 -10.84 -13.22 -8.27
N LEU A 33 -11.39 -12.08 -8.62
CA LEU A 33 -12.82 -11.98 -8.94
C LEU A 33 -13.21 -13.02 -9.98
N LYS A 34 -12.57 -12.95 -11.15
CA LYS A 34 -12.86 -13.89 -12.24
C LYS A 34 -11.58 -14.56 -12.71
N ARG A 35 -11.65 -15.88 -12.92
CA ARG A 35 -10.51 -16.64 -13.38
C ARG A 35 -10.79 -17.31 -14.72
N ALA A 36 -11.86 -16.87 -15.38
CA ALA A 36 -12.24 -17.43 -16.67
C ALA A 36 -11.11 -17.31 -17.68
N MET A 37 -10.25 -16.31 -17.47
CA MET A 37 -9.13 -16.08 -18.37
C MET A 37 -8.16 -17.27 -18.34
N ASN A 38 -8.02 -17.88 -17.17
CA ASN A 38 -7.13 -19.02 -17.01
C ASN A 38 -7.70 -20.25 -17.70
N ARG A 39 -9.02 -20.43 -17.62
CA ARG A 39 -9.68 -21.58 -18.24
C ARG A 39 -9.61 -21.48 -19.76
N LEU A 40 -9.57 -20.26 -20.27
CA LEU A 40 -9.51 -20.03 -21.71
C LEU A 40 -8.08 -19.69 -22.14
N ILE A 1 -5.11 -7.38 25.76
CA ILE A 1 -6.00 -6.95 24.70
C ILE A 1 -5.55 -5.62 24.11
N ASP A 2 -4.95 -4.78 24.94
CA ASP A 2 -4.46 -3.47 24.51
C ASP A 2 -3.31 -3.63 23.52
N VAL A 3 -2.55 -4.72 23.67
CA VAL A 3 -1.42 -4.98 22.79
C VAL A 3 -1.88 -5.21 21.35
N LEU A 4 -3.05 -5.82 21.20
CA LEU A 4 -3.61 -6.10 19.89
C LEU A 4 -3.99 -4.81 19.17
N ARG A 5 -4.49 -3.84 19.93
CA ARG A 5 -4.90 -2.56 19.37
C ARG A 5 -3.69 -1.82 18.77
N ALA A 6 -2.67 -1.62 19.59
CA ALA A 6 -1.46 -0.93 19.13
C ALA A 6 -0.79 -1.68 17.99
N LYS A 7 -0.90 -3.01 18.01
CA LYS A 7 -0.30 -3.84 16.98
C LYS A 7 -1.03 -3.67 15.66
N ALA A 8 -2.36 -3.61 15.72
CA ALA A 8 -3.18 -3.44 14.53
C ALA A 8 -2.99 -2.05 13.93
N ALA A 9 -2.84 -1.05 14.78
CA ALA A 9 -2.65 0.33 14.34
C ALA A 9 -1.30 0.50 13.65
N LYS A 10 -0.27 -0.13 14.21
CA LYS A 10 1.07 -0.04 13.64
C LYS A 10 1.10 -0.63 12.24
N GLU A 11 0.40 -1.75 12.04
CA GLU A 11 0.35 -2.41 10.75
C GLU A 11 -0.33 -1.52 9.71
N ARG A 12 -1.41 -0.86 10.12
CA ARG A 12 -2.16 0.02 9.23
C ARG A 12 -1.30 1.21 8.82
N ALA A 13 -0.38 1.60 9.69
CA ALA A 13 0.50 2.73 9.42
C ALA A 13 1.54 2.38 8.36
N GLU A 14 1.99 1.13 8.37
CA GLU A 14 3.00 0.68 7.42
C GLU A 14 2.37 0.48 6.04
N ARG A 15 1.17 -0.10 6.02
CA ARG A 15 0.47 -0.35 4.76
C ARG A 15 0.35 0.93 3.94
N ARG A 16 0.16 2.05 4.63
CA ARG A 16 0.02 3.34 3.97
C ARG A 16 1.35 3.80 3.38
N LEU A 17 2.44 3.36 4.00
CA LEU A 17 3.78 3.71 3.54
C LEU A 17 4.13 2.96 2.25
N GLN A 18 3.82 1.67 2.22
CA GLN A 18 4.11 0.85 1.06
C GLN A 18 3.31 1.32 -0.15
N SER A 19 2.11 1.83 0.10
CA SER A 19 1.25 2.31 -0.97
C SER A 19 1.92 3.44 -1.75
N GLN A 20 2.59 4.32 -1.02
CA GLN A 20 3.29 5.45 -1.64
C GLN A 20 4.38 4.97 -2.59
N GLN A 21 4.96 3.81 -2.27
CA GLN A 21 6.02 3.25 -3.08
C GLN A 21 5.49 2.88 -4.47
N ASP A 22 4.36 2.20 -4.52
CA ASP A 22 3.75 1.79 -5.78
C ASP A 22 2.60 2.73 -6.16
N ASP A 23 2.81 4.02 -5.95
CA ASP A 23 1.80 5.02 -6.27
C ASP A 23 2.13 5.72 -7.59
N ILE A 24 3.42 5.79 -7.91
CA ILE A 24 3.86 6.44 -9.14
C ILE A 24 3.29 5.72 -10.36
N ASP A 25 3.13 4.41 -10.26
CA ASP A 25 2.60 3.61 -11.35
C ASP A 25 1.10 3.85 -11.53
N PHE A 26 0.37 3.81 -10.42
CA PHE A 26 -1.08 4.02 -10.44
C PHE A 26 -1.41 5.43 -10.94
N LYS A 27 -0.51 6.37 -10.66
CA LYS A 27 -0.71 7.76 -11.08
C LYS A 27 -0.70 7.88 -12.59
N ARG A 28 0.20 7.16 -13.24
CA ARG A 28 0.32 7.18 -14.69
C ARG A 28 -0.78 6.33 -15.34
N ALA A 29 -1.11 5.22 -14.69
CA ALA A 29 -2.14 4.32 -15.19
C ALA A 29 -3.47 5.05 -15.36
N GLU A 30 -3.76 5.95 -14.43
CA GLU A 30 -5.01 6.72 -14.48
C GLU A 30 -4.99 7.72 -15.63
N LEU A 31 -3.79 8.20 -15.97
CA LEU A 31 -3.64 9.17 -17.04
C LEU A 31 -4.19 8.62 -18.35
N ALA A 32 -4.14 7.30 -18.51
CA ALA A 32 -4.65 6.65 -19.71
C ALA A 32 -6.16 6.46 -19.64
N LEU A 33 -6.68 6.35 -18.43
CA LEU A 33 -8.12 6.18 -18.23
C LEU A 33 -8.87 7.47 -18.51
N LYS A 34 -8.37 8.57 -17.98
CA LYS A 34 -8.99 9.88 -18.18
C LYS A 34 -7.94 10.96 -18.38
N ARG A 35 -8.19 11.87 -19.32
CA ARG A 35 -7.26 12.94 -19.60
C ARG A 35 -7.89 14.31 -19.27
N ALA A 36 -8.99 14.27 -18.53
CA ALA A 36 -9.68 15.49 -18.14
C ALA A 36 -9.02 16.13 -16.94
N MET A 37 -8.44 15.31 -16.07
CA MET A 37 -7.77 15.80 -14.87
C MET A 37 -6.73 16.86 -15.22
N ASN A 38 -5.88 16.57 -16.19
CA ASN A 38 -4.85 17.49 -16.63
C ASN A 38 -5.46 18.79 -17.13
N ARG A 39 -6.66 18.70 -17.68
CA ARG A 39 -7.36 19.87 -18.21
C ARG A 39 -7.67 20.86 -17.09
N LEU A 40 -7.97 20.33 -15.91
CA LEU A 40 -8.29 21.18 -14.76
C LEU A 40 -7.10 21.25 -13.80
#